data_2D04
#
_entry.id   2D04
#
_cell.length_a   48.009
_cell.length_b   101.089
_cell.length_c   271.572
_cell.angle_alpha   90.00
_cell.angle_beta   90.00
_cell.angle_gamma   90.00
#
_symmetry.space_group_name_H-M   'P 21 21 21'
#
loop_
_entity.id
_entity.type
_entity.pdbx_description
1 polymer 'neoculin acidic subunit'
2 polymer Curculin
3 branched beta-D-mannopyranose-(1-4)-2-acetamido-2-deoxy-beta-D-glucopyranose-(1-4)-[beta-L-fucopyranose-(1-3)]2-acetamido-2-deoxy-beta-D-glucopyranose
4 non-polymer 2-acetamido-2-deoxy-beta-D-glucopyranose
5 water water
#
loop_
_entity_poly.entity_id
_entity_poly.type
_entity_poly.pdbx_seq_one_letter_code
_entity_poly.pdbx_strand_id
1 'polypeptide(L)'
;DSVLLSGQTLYAGHSLTSGSYTLTIQNNCNLVKYQHGRQIWASDTDGQGSQCRLTLRSDGNLIIYDDNNMVVWGSDCWGN
NGTYALVLQQDGLFVIYGPVLWPLGLNGCRSLN
;
A,C,E,G
2 'polypeptide(L)'
;DNVLLSGQTLHADHSLQAGAYTLTIQNKCNLVKYQNGRQIWASNTDRRGSGCRLTLLSDGNLVIYDHNNNDVWGSACWGD
NGKYALVLQKDGRFVIYGPVLWSLGPNGCRRVNG
;
B,D,F,H
#
# COMPACT_ATOMS: atom_id res chain seq x y z
N ASP A 1 -10.61 -0.68 -27.48
CA ASP A 1 -11.69 -0.83 -26.47
C ASP A 1 -12.13 -2.29 -26.47
N SER A 2 -12.62 -2.70 -25.30
CA SER A 2 -13.05 -4.07 -25.07
C SER A 2 -14.43 -4.02 -24.44
N VAL A 3 -14.95 -2.80 -24.44
CA VAL A 3 -16.25 -2.49 -23.91
C VAL A 3 -17.11 -1.73 -24.87
N LEU A 4 -18.36 -2.14 -24.89
CA LEU A 4 -19.39 -1.45 -25.62
C LEU A 4 -20.45 -1.27 -24.53
N LEU A 5 -20.91 -0.04 -24.35
CA LEU A 5 -21.94 0.25 -23.35
C LEU A 5 -23.28 0.56 -24.04
N SER A 6 -24.40 0.36 -23.34
CA SER A 6 -25.70 0.68 -23.95
C SER A 6 -25.63 2.03 -24.64
N GLY A 7 -26.28 2.07 -25.80
CA GLY A 7 -26.36 3.25 -26.62
C GLY A 7 -25.20 3.36 -27.58
N GLN A 8 -24.17 2.56 -27.41
CA GLN A 8 -23.07 2.74 -28.33
C GLN A 8 -23.27 1.79 -29.46
N THR A 9 -22.44 1.91 -30.46
CA THR A 9 -22.64 1.07 -31.60
C THR A 9 -21.38 0.86 -32.37
N LEU A 10 -21.17 -0.38 -32.79
CA LEU A 10 -20.01 -0.70 -33.60
C LEU A 10 -20.49 -0.86 -35.06
N TYR A 11 -19.86 -0.15 -36.00
CA TYR A 11 -20.29 -0.25 -37.37
C TYR A 11 -19.50 -1.33 -38.11
N ALA A 12 -19.78 -1.54 -39.39
CA ALA A 12 -19.08 -2.64 -40.04
C ALA A 12 -17.57 -2.43 -40.07
N GLY A 13 -16.80 -3.45 -39.66
CA GLY A 13 -15.33 -3.35 -39.65
C GLY A 13 -14.83 -3.13 -38.24
N HIS A 14 -15.78 -2.76 -37.40
CA HIS A 14 -15.52 -2.48 -36.02
C HIS A 14 -15.40 -3.65 -35.12
N SER A 15 -14.63 -3.50 -34.06
CA SER A 15 -14.44 -4.60 -33.16
C SER A 15 -14.05 -4.23 -31.77
N LEU A 16 -14.31 -5.14 -30.85
CA LEU A 16 -13.82 -4.93 -29.52
C LEU A 16 -12.53 -5.70 -29.60
N THR A 17 -11.75 -5.57 -28.56
CA THR A 17 -10.46 -6.19 -28.63
C THR A 17 -9.92 -6.40 -27.25
N SER A 18 -9.19 -7.48 -27.08
CA SER A 18 -8.60 -7.73 -25.77
C SER A 18 -7.56 -8.79 -25.90
N GLY A 19 -6.31 -8.36 -25.72
CA GLY A 19 -5.21 -9.28 -25.87
C GLY A 19 -5.34 -9.88 -27.26
N SER A 20 -5.38 -11.20 -27.34
CA SER A 20 -5.47 -11.86 -28.63
C SER A 20 -6.90 -12.00 -29.10
N TYR A 21 -7.88 -11.67 -28.29
CA TYR A 21 -9.25 -11.83 -28.75
C TYR A 21 -9.75 -10.56 -29.43
N THR A 22 -10.58 -10.77 -30.44
CA THR A 22 -11.16 -9.70 -31.21
C THR A 22 -12.55 -10.11 -31.61
N LEU A 23 -13.51 -9.27 -31.25
CA LEU A 23 -14.88 -9.54 -31.60
C LEU A 23 -15.26 -8.49 -32.63
N THR A 24 -15.49 -8.91 -33.88
CA THR A 24 -15.81 -8.00 -34.96
C THR A 24 -17.14 -8.25 -35.60
N ILE A 25 -17.81 -7.14 -35.85
CA ILE A 25 -19.07 -7.15 -36.53
C ILE A 25 -18.65 -6.78 -37.93
N GLN A 26 -18.65 -7.79 -38.78
CA GLN A 26 -18.14 -7.61 -40.11
C GLN A 26 -19.01 -6.92 -41.14
N ASN A 27 -18.37 -6.48 -42.22
CA ASN A 27 -19.07 -5.80 -43.30
C ASN A 27 -20.22 -6.69 -43.76
N ASN A 28 -19.92 -7.98 -43.85
CA ASN A 28 -20.91 -8.95 -44.28
C ASN A 28 -21.94 -9.32 -43.23
N CYS A 29 -21.95 -8.60 -42.10
CA CYS A 29 -23.00 -8.82 -41.12
C CYS A 29 -22.88 -9.91 -40.08
N ASN A 30 -21.78 -10.66 -40.18
CA ASN A 30 -21.45 -11.77 -39.30
C ASN A 30 -20.74 -11.27 -38.05
N LEU A 31 -21.27 -11.56 -36.86
CA LEU A 31 -20.55 -11.14 -35.66
C LEU A 31 -19.60 -12.29 -35.31
N VAL A 32 -18.31 -12.03 -35.44
CA VAL A 32 -17.29 -13.06 -35.25
C VAL A 32 -16.22 -12.89 -34.15
N LYS A 33 -16.08 -13.85 -33.24
CA LYS A 33 -15.01 -13.71 -32.25
C LYS A 33 -13.76 -14.43 -32.75
N TYR A 34 -12.62 -13.75 -32.75
CA TYR A 34 -11.37 -14.37 -33.20
C TYR A 34 -10.39 -14.50 -32.07
N GLN A 35 -9.35 -15.30 -32.32
CA GLN A 35 -8.23 -15.41 -31.41
C GLN A 35 -7.05 -15.46 -32.37
N HIS A 36 -6.38 -14.32 -32.50
CA HIS A 36 -5.17 -14.21 -33.34
C HIS A 36 -5.25 -14.45 -34.81
N GLY A 37 -6.32 -14.13 -35.46
CA GLY A 37 -6.32 -14.51 -36.84
C GLY A 37 -7.44 -15.55 -36.93
N ARG A 38 -7.35 -16.63 -36.15
CA ARG A 38 -8.32 -17.76 -36.17
C ARG A 38 -9.75 -17.44 -35.70
N GLN A 39 -10.77 -17.98 -36.37
CA GLN A 39 -12.15 -17.68 -35.97
C GLN A 39 -12.66 -18.60 -34.90
N ILE A 40 -13.41 -18.10 -33.93
CA ILE A 40 -13.86 -19.07 -32.95
C ILE A 40 -15.33 -19.15 -32.84
N TRP A 41 -16.00 -18.05 -33.12
CA TRP A 41 -17.42 -18.12 -33.00
C TRP A 41 -18.03 -17.02 -33.83
N ALA A 42 -19.25 -17.25 -34.29
CA ALA A 42 -19.93 -16.26 -35.12
C ALA A 42 -21.43 -16.36 -34.99
N SER A 43 -22.14 -15.27 -35.29
CA SER A 43 -23.59 -15.36 -35.23
C SER A 43 -24.09 -16.10 -36.47
N ASP A 44 -23.17 -16.37 -37.39
CA ASP A 44 -23.43 -16.96 -38.69
C ASP A 44 -24.45 -16.12 -39.42
N THR A 45 -24.24 -14.82 -39.43
CA THR A 45 -25.17 -13.95 -40.11
C THR A 45 -24.45 -13.31 -41.27
N ASP A 46 -23.48 -14.04 -41.80
CA ASP A 46 -22.77 -13.54 -42.95
C ASP A 46 -23.81 -13.39 -44.07
N GLY A 47 -23.53 -12.40 -44.93
CA GLY A 47 -24.31 -12.02 -46.11
C GLY A 47 -25.79 -11.85 -45.90
N GLN A 48 -26.11 -11.60 -44.65
CA GLN A 48 -27.46 -11.44 -44.18
C GLN A 48 -27.93 -9.97 -44.23
N GLY A 49 -27.01 -9.15 -44.73
CA GLY A 49 -27.18 -7.73 -44.94
C GLY A 49 -25.75 -7.22 -45.11
N SER A 50 -25.60 -5.94 -45.46
CA SER A 50 -24.27 -5.33 -45.53
C SER A 50 -24.46 -4.03 -44.76
N GLN A 51 -23.38 -3.37 -44.41
CA GLN A 51 -23.50 -2.14 -43.63
C GLN A 51 -24.10 -2.49 -42.27
N CYS A 52 -23.86 -3.67 -41.73
CA CYS A 52 -24.46 -3.98 -40.44
C CYS A 52 -23.66 -3.36 -39.30
N ARG A 53 -24.36 -3.14 -38.19
CA ARG A 53 -23.78 -2.57 -37.01
C ARG A 53 -24.28 -3.38 -35.81
N LEU A 54 -23.51 -3.31 -34.75
CA LEU A 54 -23.79 -4.05 -33.55
C LEU A 54 -24.00 -3.01 -32.49
N THR A 55 -25.16 -3.00 -31.87
CA THR A 55 -25.40 -1.97 -30.87
C THR A 55 -25.88 -2.66 -29.63
N LEU A 56 -25.76 -2.02 -28.47
CA LEU A 56 -26.21 -2.67 -27.25
C LEU A 56 -27.32 -1.86 -26.65
N ARG A 57 -28.47 -2.51 -26.58
CA ARG A 57 -29.64 -1.86 -26.10
C ARG A 57 -29.52 -1.42 -24.68
N SER A 58 -30.45 -0.52 -24.41
CA SER A 58 -30.60 0.08 -23.14
C SER A 58 -31.09 -0.94 -22.12
N ASP A 59 -31.56 -2.08 -22.62
CA ASP A 59 -32.04 -3.12 -21.73
C ASP A 59 -31.09 -4.29 -21.70
N GLY A 60 -29.89 -4.05 -22.22
CA GLY A 60 -28.83 -5.03 -22.20
C GLY A 60 -28.78 -6.02 -23.35
N ASN A 61 -29.80 -5.95 -24.17
CA ASN A 61 -29.94 -6.84 -25.30
C ASN A 61 -28.87 -6.55 -26.35
N LEU A 62 -28.12 -7.54 -26.80
CA LEU A 62 -27.09 -7.27 -27.82
C LEU A 62 -27.70 -7.49 -29.21
N ILE A 63 -27.72 -6.47 -30.07
CA ILE A 63 -28.40 -6.64 -31.36
C ILE A 63 -27.66 -6.26 -32.61
N ILE A 64 -27.90 -7.00 -33.67
CA ILE A 64 -27.28 -6.68 -34.93
C ILE A 64 -28.34 -6.10 -35.85
N TYR A 65 -28.08 -4.91 -36.37
CA TYR A 65 -29.00 -4.32 -37.32
C TYR A 65 -28.25 -4.32 -38.63
N ASP A 66 -29.02 -4.21 -39.70
CA ASP A 66 -28.51 -4.25 -41.05
C ASP A 66 -28.81 -2.94 -41.76
N ASP A 67 -28.63 -3.03 -43.05
CA ASP A 67 -28.89 -1.96 -43.98
C ASP A 67 -30.18 -1.21 -43.79
N ASN A 68 -31.24 -1.93 -43.49
CA ASN A 68 -32.53 -1.27 -43.41
C ASN A 68 -33.06 -1.19 -42.03
N ASN A 69 -32.13 -1.17 -41.09
CA ASN A 69 -32.46 -1.07 -39.69
C ASN A 69 -33.32 -2.21 -39.20
N MET A 70 -33.11 -3.40 -39.74
CA MET A 70 -33.86 -4.56 -39.27
C MET A 70 -32.98 -5.41 -38.38
N VAL A 71 -33.55 -5.86 -37.26
CA VAL A 71 -32.83 -6.74 -36.37
C VAL A 71 -32.49 -7.99 -37.14
N VAL A 72 -31.21 -8.17 -37.40
CA VAL A 72 -30.81 -9.39 -38.03
C VAL A 72 -30.58 -10.47 -36.95
N TRP A 73 -29.91 -10.13 -35.85
CA TRP A 73 -29.58 -11.09 -34.78
C TRP A 73 -29.64 -10.40 -33.44
N GLY A 74 -29.76 -11.15 -32.36
CA GLY A 74 -29.81 -10.51 -31.07
C GLY A 74 -29.35 -11.49 -30.04
N SER A 75 -29.38 -11.12 -28.77
CA SER A 75 -29.00 -12.14 -27.84
C SER A 75 -30.28 -12.63 -27.20
N ASP A 76 -31.27 -11.75 -27.26
CA ASP A 76 -32.58 -12.00 -26.73
C ASP A 76 -32.54 -12.34 -25.29
N CYS A 77 -31.78 -11.49 -24.63
CA CYS A 77 -31.60 -11.60 -23.23
C CYS A 77 -31.56 -10.18 -22.80
N TRP A 78 -32.58 -9.79 -22.06
CA TRP A 78 -32.58 -8.42 -21.62
C TRP A 78 -33.04 -8.31 -20.17
N GLY A 79 -32.75 -7.20 -19.52
CA GLY A 79 -33.18 -7.03 -18.14
C GLY A 79 -33.74 -5.64 -17.93
N ASN A 80 -33.83 -5.15 -16.69
CA ASN A 80 -34.35 -3.81 -16.46
C ASN A 80 -33.61 -2.80 -17.33
N ASN A 81 -34.26 -1.66 -17.57
CA ASN A 81 -33.67 -0.60 -18.38
C ASN A 81 -32.70 0.26 -17.59
N GLY A 82 -31.58 0.60 -18.24
CA GLY A 82 -30.56 1.41 -17.62
C GLY A 82 -29.35 1.30 -18.54
N THR A 83 -28.17 1.09 -17.99
CA THR A 83 -27.01 0.93 -18.85
C THR A 83 -26.39 -0.42 -18.62
N TYR A 84 -25.85 -0.98 -19.71
CA TYR A 84 -25.18 -2.26 -19.71
C TYR A 84 -23.85 -2.06 -20.31
N ALA A 85 -23.07 -3.11 -20.18
CA ALA A 85 -21.72 -3.14 -20.67
C ALA A 85 -21.43 -4.51 -21.16
N LEU A 86 -21.02 -4.54 -22.41
CA LEU A 86 -20.63 -5.78 -23.02
C LEU A 86 -19.14 -5.72 -22.97
N VAL A 87 -18.52 -6.65 -22.26
CA VAL A 87 -17.08 -6.54 -22.28
C VAL A 87 -16.40 -7.76 -22.81
N LEU A 88 -15.46 -7.56 -23.73
CA LEU A 88 -14.67 -8.68 -24.24
C LEU A 88 -13.54 -8.85 -23.22
N GLN A 89 -13.56 -9.95 -22.47
CA GLN A 89 -12.58 -10.21 -21.39
C GLN A 89 -11.25 -10.84 -21.72
N GLN A 90 -10.31 -10.78 -20.78
CA GLN A 90 -9.01 -11.37 -21.07
C GLN A 90 -9.05 -12.90 -21.20
N ASP A 91 -10.12 -13.54 -20.74
CA ASP A 91 -10.25 -14.98 -20.91
C ASP A 91 -10.94 -15.22 -22.27
N GLY A 92 -11.12 -14.16 -23.06
CA GLY A 92 -11.75 -14.34 -24.36
C GLY A 92 -13.27 -14.43 -24.38
N LEU A 93 -13.92 -14.47 -23.22
CA LEU A 93 -15.37 -14.56 -23.26
C LEU A 93 -15.95 -13.15 -23.44
N PHE A 94 -17.12 -13.03 -24.07
CA PHE A 94 -17.67 -11.68 -24.13
C PHE A 94 -18.89 -11.64 -23.28
N VAL A 95 -18.83 -10.90 -22.17
CA VAL A 95 -19.95 -10.91 -21.28
C VAL A 95 -20.70 -9.61 -21.24
N ILE A 96 -21.98 -9.71 -21.02
CA ILE A 96 -22.75 -8.51 -20.96
C ILE A 96 -23.19 -8.38 -19.54
N TYR A 97 -22.66 -7.34 -18.91
CA TYR A 97 -22.92 -7.07 -17.52
C TYR A 97 -24.12 -6.25 -17.21
N GLY A 98 -24.96 -6.86 -16.39
CA GLY A 98 -26.24 -6.32 -15.92
C GLY A 98 -26.34 -4.82 -15.85
N PRO A 99 -27.50 -4.24 -15.48
CA PRO A 99 -27.69 -2.77 -15.38
C PRO A 99 -26.71 -2.11 -14.41
N VAL A 100 -26.55 -0.78 -14.45
CA VAL A 100 -25.63 -0.14 -13.52
C VAL A 100 -25.99 -0.39 -12.05
N LEU A 101 -24.98 -0.67 -11.22
CA LEU A 101 -25.20 -0.90 -9.80
C LEU A 101 -24.71 0.23 -8.92
N TRP A 102 -23.54 0.80 -9.06
CA TRP A 102 -23.38 1.73 -7.97
C TRP A 102 -23.26 3.21 -8.26
N PRO A 103 -22.38 3.70 -9.15
CA PRO A 103 -22.49 5.15 -9.20
C PRO A 103 -23.85 5.51 -9.80
N LEU A 104 -24.88 5.41 -8.95
CA LEU A 104 -26.17 5.80 -9.46
C LEU A 104 -26.25 7.28 -9.15
N GLY A 105 -26.05 8.06 -10.21
CA GLY A 105 -25.97 9.47 -10.03
C GLY A 105 -24.62 9.67 -9.38
N LEU A 106 -24.61 10.45 -8.30
CA LEU A 106 -23.39 10.76 -7.62
C LEU A 106 -22.87 9.52 -6.96
N ASN A 107 -23.57 9.24 -5.90
CA ASN A 107 -23.28 8.11 -5.12
C ASN A 107 -24.59 7.44 -4.78
N GLY A 108 -25.21 6.79 -5.76
CA GLY A 108 -26.47 6.09 -5.52
C GLY A 108 -26.29 4.60 -5.77
N CYS A 109 -27.06 3.77 -5.08
CA CYS A 109 -26.93 2.33 -5.22
C CYS A 109 -28.24 1.68 -5.71
N ARG A 110 -28.39 1.08 -6.89
CA ARG A 110 -29.75 0.49 -7.02
C ARG A 110 -29.72 -0.52 -5.84
N SER A 111 -30.73 -0.52 -4.98
CA SER A 111 -30.62 -1.42 -3.86
C SER A 111 -30.24 -2.89 -4.17
N ASP B 1 -7.50 -2.05 -20.48
CA ASP B 1 -6.83 -1.36 -19.35
C ASP B 1 -7.84 -0.54 -18.63
N ASN B 2 -9.11 -0.79 -18.87
CA ASN B 2 -10.03 0.11 -18.22
C ASN B 2 -11.14 -0.65 -17.62
N VAL B 3 -10.89 -1.91 -17.37
CA VAL B 3 -11.95 -2.74 -16.86
C VAL B 3 -11.41 -3.54 -15.72
N LEU B 4 -12.30 -3.91 -14.82
CA LEU B 4 -11.83 -4.70 -13.72
C LEU B 4 -13.01 -5.51 -13.20
N LEU B 5 -12.99 -6.74 -13.68
CA LEU B 5 -13.98 -7.80 -13.44
C LEU B 5 -13.92 -8.21 -12.02
N SER B 6 -15.03 -8.72 -11.48
CA SER B 6 -15.07 -9.04 -10.05
C SER B 6 -14.38 -10.29 -9.56
N GLY B 7 -13.22 -10.06 -8.95
CA GLY B 7 -12.36 -11.10 -8.46
C GLY B 7 -10.99 -10.62 -8.92
N GLN B 8 -10.97 -9.53 -9.66
CA GLN B 8 -9.71 -9.00 -10.14
C GLN B 8 -9.21 -7.89 -9.23
N THR B 9 -7.98 -7.45 -9.48
CA THR B 9 -7.36 -6.45 -8.63
C THR B 9 -6.48 -5.43 -9.30
N LEU B 10 -6.47 -4.26 -8.70
CA LEU B 10 -5.62 -3.20 -9.17
C LEU B 10 -4.61 -2.98 -8.05
N HIS B 11 -3.41 -3.54 -8.21
CA HIS B 11 -2.40 -3.41 -7.18
C HIS B 11 -1.94 -2.02 -6.96
N ALA B 12 -1.17 -1.86 -5.92
CA ALA B 12 -0.65 -0.56 -5.53
C ALA B 12 -0.02 0.22 -6.66
N ASP B 13 -0.60 1.40 -6.84
CA ASP B 13 -0.21 2.40 -7.84
C ASP B 13 -0.59 2.02 -9.23
N HIS B 14 -1.33 0.94 -9.33
CA HIS B 14 -1.80 0.51 -10.60
C HIS B 14 -2.99 1.36 -10.94
N SER B 15 -3.20 1.59 -12.22
CA SER B 15 -4.38 2.35 -12.58
C SER B 15 -5.10 1.78 -13.77
N LEU B 16 -6.31 2.30 -13.87
CA LEU B 16 -7.23 2.06 -14.96
C LEU B 16 -7.08 3.33 -15.79
N GLN B 17 -7.19 3.17 -17.10
CA GLN B 17 -7.04 4.29 -17.97
C GLN B 17 -8.01 4.24 -19.10
N ALA B 18 -8.69 5.37 -19.30
CA ALA B 18 -9.70 5.48 -20.32
C ALA B 18 -9.71 6.88 -20.88
N GLY B 19 -9.33 6.95 -22.13
CA GLY B 19 -9.32 8.23 -22.76
C GLY B 19 -8.39 9.16 -22.03
N ALA B 20 -8.94 9.99 -21.15
CA ALA B 20 -8.16 10.97 -20.43
C ALA B 20 -8.27 10.81 -18.92
N TYR B 21 -9.00 9.80 -18.49
CA TYR B 21 -9.14 9.61 -17.08
C TYR B 21 -8.22 8.49 -16.61
N THR B 22 -7.58 8.70 -15.47
CA THR B 22 -6.71 7.68 -14.88
C THR B 22 -7.24 7.53 -13.48
N LEU B 23 -7.63 6.33 -13.10
CA LEU B 23 -8.14 6.14 -11.75
C LEU B 23 -7.03 5.29 -11.14
N THR B 24 -6.35 5.77 -10.10
CA THR B 24 -5.24 5.00 -9.57
C THR B 24 -5.40 4.59 -8.14
N ILE B 25 -5.17 3.32 -7.78
CA ILE B 25 -5.25 3.07 -6.36
C ILE B 25 -3.84 3.30 -5.89
N GLN B 26 -3.63 4.40 -5.17
CA GLN B 26 -2.29 4.70 -4.74
C GLN B 26 -1.81 3.79 -3.66
N ASN B 27 -0.50 3.66 -3.58
CA ASN B 27 0.06 2.77 -2.59
C ASN B 27 -0.33 3.08 -1.15
N LYS B 28 -0.48 4.35 -0.82
CA LYS B 28 -0.87 4.74 0.52
C LYS B 28 -2.38 4.80 0.73
N CYS B 29 -3.14 4.14 -0.15
CA CYS B 29 -4.58 3.98 0.04
C CYS B 29 -5.61 4.95 -0.53
N ASN B 30 -5.18 6.07 -1.12
CA ASN B 30 -6.18 6.95 -1.70
C ASN B 30 -6.40 6.61 -3.18
N LEU B 31 -7.65 6.34 -3.56
CA LEU B 31 -8.02 6.06 -4.95
C LEU B 31 -8.20 7.42 -5.61
N VAL B 32 -7.38 7.74 -6.62
CA VAL B 32 -7.47 9.05 -7.24
C VAL B 32 -7.76 9.05 -8.76
N LYS B 33 -8.73 9.87 -9.18
CA LYS B 33 -9.11 10.00 -10.59
C LYS B 33 -8.50 11.26 -11.12
N TYR B 34 -7.78 11.09 -12.21
CA TYR B 34 -7.21 12.24 -12.83
C TYR B 34 -7.85 12.37 -14.17
N GLN B 35 -7.56 13.50 -14.77
CA GLN B 35 -8.09 13.86 -16.05
C GLN B 35 -6.84 14.43 -16.68
N ASN B 36 -6.25 13.84 -17.70
CA ASN B 36 -5.05 14.53 -18.21
C ASN B 36 -3.94 14.80 -17.18
N GLY B 37 -3.99 14.13 -16.03
CA GLY B 37 -2.93 14.30 -15.05
C GLY B 37 -3.28 15.08 -13.80
N ARG B 38 -4.27 15.99 -13.89
CA ARG B 38 -4.67 16.77 -12.71
C ARG B 38 -5.71 16.02 -11.90
N GLN B 39 -5.46 15.88 -10.61
CA GLN B 39 -6.43 15.17 -9.77
C GLN B 39 -7.81 15.86 -9.83
N ILE B 40 -8.91 15.08 -9.81
CA ILE B 40 -10.27 15.66 -9.85
C ILE B 40 -11.24 15.00 -8.86
N TRP B 41 -10.89 13.83 -8.37
CA TRP B 41 -11.73 13.17 -7.39
C TRP B 41 -10.78 12.27 -6.63
N ALA B 42 -11.26 11.69 -5.55
CA ALA B 42 -10.39 10.82 -4.78
C ALA B 42 -11.22 10.28 -3.65
N SER B 43 -10.92 9.07 -3.19
CA SER B 43 -11.70 8.49 -2.10
C SER B 43 -11.46 9.18 -0.75
N ASN B 44 -10.36 9.94 -0.67
CA ASN B 44 -9.89 10.67 0.51
C ASN B 44 -9.63 9.73 1.64
N THR B 45 -8.74 8.81 1.33
CA THR B 45 -8.33 7.82 2.25
C THR B 45 -6.83 7.75 2.16
N ASP B 46 -6.26 8.87 1.76
CA ASP B 46 -4.85 8.90 1.73
C ASP B 46 -4.38 8.61 3.16
N ARG B 47 -3.32 7.81 3.30
CA ARG B 47 -2.73 7.48 4.60
C ARG B 47 -3.50 6.49 5.42
N ARG B 48 -4.60 6.00 4.89
CA ARG B 48 -5.35 5.12 5.74
C ARG B 48 -4.83 3.72 5.83
N GLY B 49 -3.66 3.53 5.25
CA GLY B 49 -3.07 2.22 5.31
C GLY B 49 -1.99 2.24 4.27
N SER B 50 -1.36 1.11 4.01
CA SER B 50 -0.32 1.10 3.00
C SER B 50 -0.27 -0.21 2.19
N GLY B 51 0.43 -0.20 1.03
CA GLY B 51 0.50 -1.35 0.13
C GLY B 51 -0.94 -1.66 -0.23
N CYS B 52 -1.67 -0.62 -0.60
CA CYS B 52 -3.10 -0.72 -0.87
C CYS B 52 -3.50 -1.29 -2.23
N ARG B 53 -4.71 -1.83 -2.34
CA ARG B 53 -5.12 -2.44 -3.60
C ARG B 53 -6.60 -2.29 -3.79
N LEU B 54 -7.07 -2.20 -5.02
CA LEU B 54 -8.51 -2.06 -5.21
C LEU B 54 -9.07 -3.36 -5.75
N THR B 55 -10.25 -3.77 -5.30
CA THR B 55 -10.77 -5.03 -5.79
C THR B 55 -12.27 -4.98 -5.94
N LEU B 56 -12.81 -5.72 -6.91
CA LEU B 56 -14.25 -5.69 -7.10
C LEU B 56 -14.82 -6.99 -6.54
N LEU B 57 -15.65 -6.90 -5.52
CA LEU B 57 -16.13 -8.13 -4.96
C LEU B 57 -17.10 -8.89 -5.85
N SER B 58 -17.29 -10.17 -5.57
CA SER B 58 -18.21 -10.89 -6.41
C SER B 58 -19.67 -10.40 -6.26
N ASP B 59 -19.98 -9.51 -5.32
CA ASP B 59 -21.37 -9.02 -5.20
C ASP B 59 -21.50 -7.58 -5.69
N GLY B 60 -20.49 -7.19 -6.48
CA GLY B 60 -20.42 -5.89 -7.07
C GLY B 60 -19.82 -4.85 -6.16
N ASN B 61 -19.56 -5.18 -4.90
CA ASN B 61 -19.01 -4.16 -4.01
C ASN B 61 -17.58 -3.76 -4.37
N LEU B 62 -17.24 -2.48 -4.24
CA LEU B 62 -15.87 -2.11 -4.57
C LEU B 62 -15.08 -1.74 -3.36
N VAL B 63 -13.99 -2.42 -3.09
CA VAL B 63 -13.35 -2.02 -1.87
C VAL B 63 -11.85 -1.87 -1.96
N ILE B 64 -11.36 -0.88 -1.25
CA ILE B 64 -9.92 -0.67 -1.21
C ILE B 64 -9.40 -1.48 -0.04
N TYR B 65 -8.35 -2.26 -0.30
CA TYR B 65 -7.73 -3.08 0.72
C TYR B 65 -6.29 -2.74 1.02
N ASP B 66 -6.11 -2.75 2.31
CA ASP B 66 -4.88 -2.57 3.03
C ASP B 66 -3.96 -3.73 2.65
N HIS B 67 -2.68 -3.68 3.02
CA HIS B 67 -1.90 -4.87 2.71
C HIS B 67 -2.19 -5.86 3.84
N ASN B 68 -2.95 -5.46 4.84
CA ASN B 68 -3.34 -6.41 5.87
C ASN B 68 -4.85 -6.73 5.66
N ASN B 69 -5.32 -6.50 4.43
CA ASN B 69 -6.71 -6.76 4.04
C ASN B 69 -7.73 -6.06 4.86
N ASN B 70 -7.37 -4.93 5.44
CA ASN B 70 -8.42 -4.22 6.13
C ASN B 70 -9.11 -3.48 5.01
N ASP B 71 -10.40 -3.31 5.22
CA ASP B 71 -11.23 -2.66 4.24
C ASP B 71 -11.24 -1.18 4.49
N VAL B 72 -10.35 -0.48 3.83
CA VAL B 72 -10.25 0.94 4.02
C VAL B 72 -11.47 1.71 3.54
N TRP B 73 -11.87 1.37 2.32
CA TRP B 73 -12.94 2.07 1.68
C TRP B 73 -13.81 1.09 0.93
N GLY B 74 -14.93 1.57 0.45
CA GLY B 74 -15.80 0.70 -0.28
C GLY B 74 -16.94 1.46 -0.88
N SER B 75 -17.36 0.95 -2.04
CA SER B 75 -18.49 1.55 -2.71
C SER B 75 -19.73 1.30 -1.85
N ALA B 76 -19.67 0.36 -0.91
CA ALA B 76 -20.82 0.13 -0.02
C ALA B 76 -22.13 -0.13 -0.75
N CYS B 77 -22.05 -0.92 -1.79
CA CYS B 77 -23.22 -1.17 -2.54
C CYS B 77 -23.06 -2.53 -3.09
N TRP B 78 -24.01 -3.37 -2.78
CA TRP B 78 -23.87 -4.70 -3.29
C TRP B 78 -25.20 -5.20 -3.77
N GLY B 79 -25.18 -5.95 -4.87
CA GLY B 79 -26.38 -6.51 -5.45
C GLY B 79 -26.24 -8.01 -5.44
N ASP B 80 -27.02 -8.72 -6.25
CA ASP B 80 -26.90 -10.14 -6.19
C ASP B 80 -25.50 -10.72 -6.35
N ASN B 81 -25.22 -11.73 -5.55
CA ASN B 81 -23.91 -12.29 -5.70
C ASN B 81 -23.87 -12.97 -7.05
N GLY B 82 -22.90 -12.55 -7.84
CA GLY B 82 -22.69 -13.08 -9.18
C GLY B 82 -21.31 -12.63 -9.66
N LYS B 83 -21.23 -11.88 -10.76
CA LYS B 83 -19.96 -11.35 -11.30
C LYS B 83 -20.23 -9.94 -11.86
N TYR B 84 -19.38 -8.97 -11.57
CA TYR B 84 -19.63 -7.60 -12.03
C TYR B 84 -18.48 -7.04 -12.79
N ALA B 85 -18.68 -5.88 -13.37
CA ALA B 85 -17.57 -5.29 -14.05
C ALA B 85 -17.54 -3.83 -13.79
N LEU B 86 -16.38 -3.37 -13.37
CA LEU B 86 -16.17 -1.96 -13.11
C LEU B 86 -15.51 -1.43 -14.37
N VAL B 87 -16.06 -0.42 -15.01
CA VAL B 87 -15.34 0.08 -16.16
C VAL B 87 -15.20 1.58 -16.03
N LEU B 88 -13.98 2.05 -16.25
CA LEU B 88 -13.65 3.47 -16.19
C LEU B 88 -14.03 3.96 -17.58
N GLN B 89 -14.84 5.00 -17.69
CA GLN B 89 -15.20 5.36 -19.03
C GLN B 89 -14.48 6.54 -19.61
N LYS B 90 -14.68 6.78 -20.90
CA LYS B 90 -13.96 7.85 -21.55
C LYS B 90 -14.48 9.22 -21.08
N ASP B 91 -15.56 9.20 -20.31
CA ASP B 91 -16.12 10.43 -19.76
C ASP B 91 -15.74 10.63 -18.28
N GLY B 92 -14.92 9.75 -17.72
CA GLY B 92 -14.55 9.99 -16.35
C GLY B 92 -15.36 9.25 -15.32
N ARG B 93 -16.60 8.86 -15.63
CA ARG B 93 -17.39 8.09 -14.64
C ARG B 93 -16.77 6.64 -14.57
N PHE B 94 -16.61 6.04 -13.39
CA PHE B 94 -16.11 4.64 -13.36
C PHE B 94 -17.26 3.91 -12.73
N VAL B 95 -17.85 3.08 -13.56
CA VAL B 95 -19.08 2.44 -13.17
C VAL B 95 -19.03 0.97 -12.93
N ILE B 96 -19.88 0.52 -12.01
CA ILE B 96 -19.99 -0.88 -11.72
C ILE B 96 -21.27 -1.44 -12.33
N TYR B 97 -21.05 -2.43 -13.19
CA TYR B 97 -22.14 -3.04 -13.90
C TYR B 97 -22.68 -4.34 -13.30
N GLY B 98 -23.95 -4.16 -12.86
CA GLY B 98 -24.87 -5.11 -12.22
C GLY B 98 -24.46 -6.53 -12.44
N PRO B 99 -25.13 -7.56 -11.87
CA PRO B 99 -24.53 -8.84 -12.19
C PRO B 99 -24.68 -9.21 -13.64
N VAL B 100 -23.86 -10.15 -14.06
CA VAL B 100 -23.85 -10.64 -15.43
C VAL B 100 -25.25 -10.89 -15.99
N LEU B 101 -25.52 -10.39 -17.20
CA LEU B 101 -26.84 -10.62 -17.81
C LEU B 101 -26.79 -11.62 -18.96
N TRP B 102 -25.69 -11.66 -19.71
CA TRP B 102 -25.73 -12.54 -20.86
C TRP B 102 -24.39 -12.99 -21.30
N SER B 103 -24.38 -14.14 -21.94
CA SER B 103 -23.14 -14.69 -22.35
C SER B 103 -23.46 -15.88 -23.23
N LEU B 104 -22.60 -16.21 -24.18
CA LEU B 104 -22.88 -17.37 -25.02
C LEU B 104 -22.81 -18.62 -24.21
N GLY B 105 -23.54 -19.60 -24.70
CA GLY B 105 -23.53 -20.88 -24.08
C GLY B 105 -24.75 -21.16 -23.27
N PRO B 106 -25.05 -22.46 -23.15
CA PRO B 106 -26.11 -23.10 -22.43
C PRO B 106 -26.94 -22.23 -21.47
N ASN B 107 -26.60 -21.96 -20.21
CA ASN B 107 -27.57 -21.09 -19.58
C ASN B 107 -27.28 -19.59 -19.89
N GLY B 108 -26.03 -19.14 -19.71
CA GLY B 108 -25.60 -17.78 -20.05
C GLY B 108 -26.54 -16.57 -20.25
N CYS B 109 -27.81 -16.67 -19.87
CA CYS B 109 -28.77 -15.55 -19.94
C CYS B 109 -29.51 -15.57 -18.60
N ARG B 110 -29.12 -14.68 -17.69
CA ARG B 110 -29.89 -14.58 -16.46
C ARG B 110 -30.74 -13.61 -17.16
N ARG B 111 -32.02 -13.80 -16.98
CA ARG B 111 -32.98 -12.97 -17.59
C ARG B 111 -33.47 -11.70 -16.82
N ASP C 1 7.65 -11.25 -24.88
CA ASP C 1 7.91 -12.29 -23.89
C ASP C 1 7.61 -11.75 -22.51
N SER C 2 6.43 -12.13 -22.07
CA SER C 2 5.96 -11.75 -20.76
C SER C 2 6.54 -12.79 -19.80
N VAL C 3 7.45 -13.59 -20.32
CA VAL C 3 8.09 -14.64 -19.55
C VAL C 3 9.59 -14.65 -19.67
N LEU C 4 10.24 -14.86 -18.52
CA LEU C 4 11.68 -15.00 -18.42
C LEU C 4 11.96 -16.31 -17.64
N LEU C 5 12.55 -17.31 -18.29
CA LEU C 5 12.83 -18.58 -17.62
C LEU C 5 14.18 -18.66 -16.95
N SER C 6 14.31 -19.61 -16.04
CA SER C 6 15.59 -19.77 -15.41
C SER C 6 16.58 -20.04 -16.51
N GLY C 7 17.64 -19.27 -16.47
CA GLY C 7 18.67 -19.45 -17.45
C GLY C 7 18.52 -18.48 -18.58
N GLN C 8 17.48 -17.67 -18.63
CA GLN C 8 17.46 -16.77 -19.77
C GLN C 8 17.79 -15.38 -19.33
N THR C 9 17.79 -14.45 -20.26
CA THR C 9 18.25 -13.16 -19.87
C THR C 9 17.59 -12.01 -20.58
N LEU C 10 17.16 -11.03 -19.81
CA LEU C 10 16.57 -9.85 -20.40
C LEU C 10 17.74 -8.86 -20.52
N TYR C 11 18.25 -8.65 -21.75
CA TYR C 11 19.38 -7.74 -21.91
C TYR C 11 18.98 -6.30 -21.78
N ALA C 12 19.98 -5.46 -21.63
CA ALA C 12 19.74 -4.05 -21.43
C ALA C 12 18.85 -3.47 -22.52
N GLY C 13 17.80 -2.76 -22.10
CA GLY C 13 16.87 -2.17 -23.05
C GLY C 13 15.66 -3.04 -23.37
N HIS C 14 15.69 -4.32 -23.02
CA HIS C 14 14.58 -5.21 -23.34
C HIS C 14 13.57 -5.31 -22.23
N SER C 15 12.35 -5.70 -22.58
CA SER C 15 11.33 -5.72 -21.56
C SER C 15 10.38 -6.89 -21.59
N LEU C 16 9.91 -7.29 -20.42
CA LEU C 16 8.84 -8.28 -20.44
C LEU C 16 7.64 -7.37 -20.62
N THR C 17 6.59 -7.84 -21.28
CA THR C 17 5.45 -6.95 -21.53
C THR C 17 4.15 -7.68 -21.28
N SER C 18 3.15 -6.96 -20.84
CA SER C 18 1.89 -7.60 -20.59
C SER C 18 0.85 -6.56 -20.33
N GLY C 19 -0.04 -6.46 -21.28
CA GLY C 19 -1.10 -5.52 -21.16
C GLY C 19 -0.51 -4.16 -21.10
N SER C 20 -0.92 -3.38 -20.12
CA SER C 20 -0.39 -2.04 -20.10
C SER C 20 0.93 -1.89 -19.35
N TYR C 21 1.45 -3.01 -18.83
CA TYR C 21 2.65 -3.06 -18.01
C TYR C 21 3.96 -3.48 -18.70
N THR C 22 5.08 -2.84 -18.34
CA THR C 22 6.36 -3.18 -18.93
C THR C 22 7.39 -3.34 -17.83
N LEU C 23 8.28 -4.33 -17.94
CA LEU C 23 9.33 -4.50 -16.94
C LEU C 23 10.58 -4.39 -17.76
N THR C 24 11.38 -3.39 -17.48
CA THR C 24 12.56 -3.17 -18.29
C THR C 24 13.84 -3.04 -17.51
N ILE C 25 14.87 -3.75 -17.94
CA ILE C 25 16.14 -3.51 -17.29
C ILE C 25 16.73 -2.42 -18.21
N GLN C 26 16.84 -1.19 -17.72
CA GLN C 26 17.26 -0.12 -18.61
C GLN C 26 18.73 0.01 -18.89
N ASN C 27 19.05 0.89 -19.83
CA ASN C 27 20.43 1.14 -20.13
C ASN C 27 21.10 1.73 -18.89
N ASN C 28 20.34 2.46 -18.07
CA ASN C 28 20.90 3.02 -16.84
C ASN C 28 21.22 1.98 -15.74
N CYS C 29 20.68 0.76 -15.85
CA CYS C 29 20.93 -0.37 -14.92
C CYS C 29 19.86 -0.59 -13.88
N ASN C 30 18.80 0.17 -14.03
CA ASN C 30 17.67 0.15 -13.16
C ASN C 30 16.64 -0.82 -13.68
N LEU C 31 16.02 -1.57 -12.79
CA LEU C 31 15.00 -2.48 -13.23
C LEU C 31 13.71 -1.73 -12.98
N VAL C 32 13.00 -1.36 -14.04
CA VAL C 32 11.78 -0.60 -13.85
C VAL C 32 10.52 -1.25 -14.35
N LYS C 33 9.44 -0.88 -13.67
CA LYS C 33 8.13 -1.36 -13.97
C LYS C 33 7.23 -0.16 -14.22
N TYR C 34 6.72 -0.16 -15.44
CA TYR C 34 5.90 0.89 -16.01
C TYR C 34 4.48 0.49 -16.31
N GLN C 35 3.59 1.47 -16.38
CA GLN C 35 2.24 1.18 -16.83
C GLN C 35 1.85 2.37 -17.65
N HIS C 36 1.67 2.12 -18.94
CA HIS C 36 1.36 3.23 -19.80
C HIS C 36 2.50 4.21 -19.76
N GLY C 37 3.72 3.71 -19.73
CA GLY C 37 4.81 4.66 -19.75
C GLY C 37 5.18 5.34 -18.45
N ARG C 38 4.36 5.34 -17.41
CA ARG C 38 4.89 5.98 -16.20
C ARG C 38 5.37 4.89 -15.24
N GLN C 39 6.45 5.18 -14.51
CA GLN C 39 7.08 4.25 -13.57
C GLN C 39 6.30 4.00 -12.31
N ILE C 40 6.10 2.71 -12.04
CA ILE C 40 5.35 2.23 -10.88
C ILE C 40 6.29 1.66 -9.84
N TRP C 41 7.36 1.02 -10.30
CA TRP C 41 8.27 0.43 -9.35
C TRP C 41 9.66 0.31 -9.92
N ALA C 42 10.66 0.28 -9.05
CA ALA C 42 12.02 0.18 -9.53
C ALA C 42 12.98 -0.32 -8.51
N SER C 43 14.01 -0.95 -9.05
CA SER C 43 15.04 -1.47 -8.22
C SER C 43 15.80 -0.26 -7.68
N ASP C 44 15.61 0.92 -8.26
CA ASP C 44 16.28 2.12 -7.77
C ASP C 44 17.72 1.75 -7.77
N THR C 45 18.04 1.05 -8.83
CA THR C 45 19.38 0.54 -9.03
C THR C 45 20.07 1.20 -10.24
N ASP C 46 19.62 2.40 -10.62
CA ASP C 46 20.20 3.17 -11.75
C ASP C 46 21.62 3.66 -11.48
N GLY C 47 22.41 3.78 -12.54
CA GLY C 47 23.77 4.23 -12.39
C GLY C 47 24.66 3.17 -11.77
N GLN C 48 24.11 2.10 -11.21
CA GLN C 48 25.02 1.16 -10.57
C GLN C 48 25.86 0.25 -11.43
N GLY C 49 25.73 0.42 -12.74
CA GLY C 49 26.52 -0.34 -13.67
C GLY C 49 26.01 0.02 -15.03
N SER C 50 26.82 -0.12 -16.06
CA SER C 50 26.20 0.19 -17.32
C SER C 50 26.03 -1.12 -18.08
N GLN C 51 25.14 -1.12 -19.06
CA GLN C 51 24.96 -2.34 -19.85
C GLN C 51 24.51 -3.55 -19.04
N CYS C 52 23.64 -3.33 -18.06
CA CYS C 52 23.24 -4.46 -17.21
C CYS C 52 22.24 -5.45 -17.82
N ARG C 53 22.08 -6.61 -17.20
CA ARG C 53 21.15 -7.60 -17.70
C ARG C 53 20.38 -8.21 -16.54
N LEU C 54 19.21 -8.77 -16.82
CA LEU C 54 18.48 -9.38 -15.76
C LEU C 54 18.24 -10.80 -16.21
N THR C 55 18.58 -11.71 -15.32
CA THR C 55 18.47 -13.13 -15.59
C THR C 55 17.84 -13.84 -14.40
N LEU C 56 17.01 -14.85 -14.67
CA LEU C 56 16.37 -15.61 -13.60
C LEU C 56 17.28 -16.81 -13.34
N ARG C 57 17.84 -16.92 -12.14
CA ARG C 57 18.79 -18.02 -11.89
C ARG C 57 18.12 -19.37 -11.76
N SER C 58 18.85 -20.48 -11.75
CA SER C 58 18.10 -21.74 -11.66
C SER C 58 17.60 -22.13 -10.29
N ASP C 59 17.67 -21.22 -9.33
CA ASP C 59 17.10 -21.52 -8.03
C ASP C 59 16.01 -20.49 -7.79
N GLY C 60 15.59 -19.87 -8.88
CA GLY C 60 14.51 -18.90 -8.85
C GLY C 60 14.82 -17.51 -8.37
N ASN C 61 16.09 -17.28 -8.09
CA ASN C 61 16.53 -15.99 -7.62
C ASN C 61 16.77 -15.08 -8.84
N LEU C 62 16.12 -13.92 -8.87
CA LEU C 62 16.28 -13.02 -10.00
C LEU C 62 17.37 -12.00 -9.71
N ILE C 63 18.38 -11.95 -10.57
CA ILE C 63 19.50 -11.05 -10.40
C ILE C 63 19.71 -10.04 -11.52
N ILE C 64 20.20 -8.86 -11.17
CA ILE C 64 20.54 -7.91 -12.22
C ILE C 64 22.06 -7.95 -12.16
N TYR C 65 22.72 -8.22 -13.28
CA TYR C 65 24.17 -8.20 -13.27
C TYR C 65 24.57 -7.01 -14.07
N ASP C 66 25.74 -6.49 -13.78
CA ASP C 66 26.24 -5.42 -14.59
C ASP C 66 27.08 -6.18 -15.64
N ASP C 67 27.65 -5.44 -16.58
CA ASP C 67 28.39 -6.06 -17.65
C ASP C 67 29.72 -6.63 -17.19
N ASN C 68 30.13 -6.33 -15.98
CA ASN C 68 31.39 -6.89 -15.50
C ASN C 68 31.08 -8.03 -14.49
N ASN C 69 29.82 -8.52 -14.55
CA ASN C 69 29.27 -9.63 -13.76
C ASN C 69 29.06 -9.45 -12.30
N MET C 70 29.12 -8.22 -11.83
CA MET C 70 28.87 -8.06 -10.42
C MET C 70 27.35 -8.02 -10.20
N VAL C 71 26.88 -8.69 -9.15
CA VAL C 71 25.46 -8.65 -8.86
C VAL C 71 25.20 -7.21 -8.45
N VAL C 72 24.04 -6.70 -8.84
CA VAL C 72 23.63 -5.34 -8.60
C VAL C 72 22.33 -5.34 -7.83
N TRP C 73 21.60 -6.44 -7.93
CA TRP C 73 20.30 -6.48 -7.30
C TRP C 73 19.75 -7.88 -7.41
N GLY C 74 18.98 -8.30 -6.43
CA GLY C 74 18.43 -9.62 -6.55
C GLY C 74 17.20 -9.76 -5.70
N SER C 75 16.26 -10.55 -6.15
CA SER C 75 15.05 -10.82 -5.38
C SER C 75 15.51 -11.33 -4.01
N ASP C 76 16.67 -11.95 -3.97
CA ASP C 76 17.23 -12.52 -2.74
C ASP C 76 16.24 -13.45 -2.08
N CYS C 77 15.83 -14.42 -2.88
CA CYS C 77 14.88 -15.41 -2.47
C CYS C 77 15.15 -16.55 -3.43
N TRP C 78 15.30 -17.76 -2.92
CA TRP C 78 15.66 -18.86 -3.81
C TRP C 78 15.03 -20.21 -3.41
N GLY C 79 15.27 -21.30 -4.15
CA GLY C 79 14.71 -22.61 -3.79
C GLY C 79 15.68 -23.69 -4.25
N ASN C 80 15.20 -24.77 -4.87
CA ASN C 80 16.08 -25.86 -5.35
C ASN C 80 16.41 -25.80 -6.86
N ASN C 81 17.63 -26.15 -7.26
CA ASN C 81 17.98 -26.11 -8.68
C ASN C 81 16.74 -26.58 -9.40
N GLY C 82 16.47 -26.02 -10.56
CA GLY C 82 15.32 -26.48 -11.31
C GLY C 82 14.97 -25.42 -12.32
N THR C 83 13.70 -25.31 -12.68
CA THR C 83 13.38 -24.23 -13.56
C THR C 83 12.27 -23.45 -12.96
N TYR C 84 12.61 -22.21 -12.68
CA TYR C 84 11.62 -21.29 -12.18
C TYR C 84 11.29 -20.45 -13.39
N ALA C 85 10.13 -19.84 -13.38
CA ALA C 85 9.75 -19.02 -14.52
C ALA C 85 9.23 -17.67 -14.07
N LEU C 86 9.82 -16.60 -14.57
CA LEU C 86 9.35 -15.29 -14.16
C LEU C 86 8.28 -14.81 -15.13
N VAL C 87 7.07 -14.55 -14.65
CA VAL C 87 6.09 -14.06 -15.57
C VAL C 87 5.53 -12.72 -15.11
N LEU C 88 5.32 -11.83 -16.04
CA LEU C 88 4.75 -10.55 -15.70
C LEU C 88 3.30 -10.63 -16.15
N GLN C 89 2.43 -10.94 -15.20
CA GLN C 89 1.01 -11.12 -15.47
C GLN C 89 0.24 -9.93 -15.99
N GLN C 90 -1.07 -10.15 -16.12
CA GLN C 90 -1.97 -9.15 -16.64
C GLN C 90 -2.47 -8.26 -15.53
N ASP C 91 -2.27 -8.67 -14.29
CA ASP C 91 -2.70 -7.81 -13.22
C ASP C 91 -1.48 -6.95 -12.96
N GLY C 92 -0.46 -7.10 -13.81
CA GLY C 92 0.73 -6.28 -13.67
C GLY C 92 1.74 -6.76 -12.64
N LEU C 93 1.39 -7.71 -11.80
CA LEU C 93 2.43 -8.14 -10.87
C LEU C 93 3.49 -8.93 -11.63
N PHE C 94 4.70 -9.08 -11.11
CA PHE C 94 5.54 -10.02 -11.82
C PHE C 94 5.92 -11.01 -10.75
N VAL C 95 5.82 -12.27 -11.13
CA VAL C 95 5.94 -13.30 -10.16
C VAL C 95 6.81 -14.44 -10.62
N ILE C 96 7.57 -15.01 -9.69
CA ILE C 96 8.46 -16.15 -9.96
C ILE C 96 7.76 -17.43 -9.56
N TYR C 97 7.76 -18.43 -10.43
CA TYR C 97 7.04 -19.60 -10.02
C TYR C 97 7.87 -20.85 -9.83
N GLY C 98 7.94 -21.30 -8.57
CA GLY C 98 8.62 -22.53 -8.12
C GLY C 98 9.19 -23.49 -9.17
N PRO C 99 10.18 -24.41 -8.85
CA PRO C 99 10.71 -25.30 -9.90
C PRO C 99 9.63 -26.12 -10.56
N VAL C 100 9.70 -26.23 -11.87
CA VAL C 100 8.74 -27.01 -12.65
C VAL C 100 7.94 -28.05 -11.82
N LEU C 101 6.58 -28.03 -11.88
CA LEU C 101 5.79 -29.05 -11.16
C LEU C 101 5.47 -30.17 -12.10
N TRP C 102 5.04 -29.85 -13.31
CA TRP C 102 4.77 -30.95 -14.17
C TRP C 102 5.89 -31.09 -15.25
N PRO C 103 5.74 -31.94 -16.35
CA PRO C 103 6.85 -32.07 -17.23
C PRO C 103 7.97 -32.49 -16.51
N LEU C 104 9.11 -31.92 -16.79
CA LEU C 104 10.08 -32.62 -16.04
C LEU C 104 10.20 -33.79 -16.98
N GLY C 105 11.10 -33.60 -17.93
CA GLY C 105 11.23 -34.62 -18.91
C GLY C 105 9.90 -34.56 -19.66
N LEU C 106 9.15 -35.65 -19.50
CA LEU C 106 7.84 -35.81 -20.12
C LEU C 106 6.99 -36.57 -19.09
N ASN C 107 5.69 -36.31 -18.98
CA ASN C 107 4.90 -36.97 -17.93
C ASN C 107 5.54 -36.91 -16.50
N GLY C 108 6.82 -36.55 -16.34
CA GLY C 108 7.40 -36.52 -14.99
C GLY C 108 6.64 -35.64 -14.00
N CYS C 109 6.45 -36.08 -12.76
CA CYS C 109 5.74 -35.26 -11.78
C CYS C 109 6.67 -35.00 -10.60
N ARG C 110 6.68 -33.78 -10.09
CA ARG C 110 7.58 -33.49 -8.98
C ARG C 110 7.08 -34.15 -7.67
N SER C 111 7.99 -34.63 -6.81
CA SER C 111 7.58 -35.19 -5.50
C SER C 111 8.08 -34.29 -4.35
N LEU C 112 9.08 -33.42 -4.64
CA LEU C 112 9.71 -32.44 -3.71
C LEU C 112 9.03 -31.05 -3.84
N ASN C 113 9.62 -29.97 -3.31
CA ASN C 113 9.09 -28.63 -3.60
C ASN C 113 10.24 -27.63 -3.79
N ASP D 1 -0.81 -14.10 -23.79
CA ASP D 1 -0.82 -15.05 -24.91
C ASP D 1 -0.30 -16.40 -24.52
N ASN D 2 0.64 -16.51 -23.60
CA ASN D 2 1.13 -17.86 -23.42
C ASN D 2 1.27 -18.38 -22.03
N VAL D 3 0.36 -17.97 -21.16
CA VAL D 3 0.46 -18.39 -19.79
C VAL D 3 -0.93 -18.52 -19.28
N LEU D 4 -1.17 -19.48 -18.41
CA LEU D 4 -2.50 -19.53 -17.85
C LEU D 4 -2.27 -19.74 -16.35
N LEU D 5 -2.63 -18.74 -15.55
CA LEU D 5 -2.44 -18.82 -14.12
C LEU D 5 -3.36 -19.77 -13.43
N SER D 6 -3.00 -20.15 -12.23
CA SER D 6 -3.81 -21.05 -11.49
C SER D 6 -5.31 -20.81 -11.48
N GLY D 7 -5.81 -19.61 -11.34
CA GLY D 7 -7.26 -19.68 -11.21
C GLY D 7 -8.06 -19.59 -12.48
N GLN D 8 -7.44 -19.84 -13.63
CA GLN D 8 -8.14 -19.58 -14.87
C GLN D 8 -8.46 -20.72 -15.79
N THR D 9 -9.12 -20.34 -16.86
CA THR D 9 -9.60 -21.25 -17.83
C THR D 9 -9.35 -20.90 -19.27
N LEU D 10 -8.87 -21.88 -19.99
CA LEU D 10 -8.71 -21.73 -21.42
C LEU D 10 -10.06 -22.34 -21.97
N HIS D 11 -10.89 -21.53 -22.64
CA HIS D 11 -12.19 -22.05 -23.12
C HIS D 11 -12.15 -22.71 -24.48
N ALA D 12 -13.23 -23.40 -24.85
CA ALA D 12 -13.28 -24.10 -26.15
C ALA D 12 -12.54 -23.37 -27.30
N ASP D 13 -11.53 -23.99 -27.93
CA ASP D 13 -10.82 -23.38 -29.06
C ASP D 13 -9.91 -22.22 -28.71
N HIS D 14 -9.87 -21.86 -27.44
CA HIS D 14 -8.95 -20.82 -27.03
C HIS D 14 -7.54 -21.45 -27.03
N SER D 15 -6.51 -20.62 -27.11
CA SER D 15 -5.14 -21.10 -27.18
C SER D 15 -4.12 -20.26 -26.47
N LEU D 16 -2.98 -20.89 -26.34
CA LEU D 16 -1.81 -20.26 -25.79
C LEU D 16 -0.93 -20.21 -27.02
N GLN D 17 -0.17 -19.15 -27.17
CA GLN D 17 0.70 -19.10 -28.34
C GLN D 17 2.04 -18.58 -27.90
N ALA D 18 3.03 -18.91 -28.71
CA ALA D 18 4.39 -18.58 -28.41
C ALA D 18 5.22 -19.02 -29.59
N GLY D 19 5.73 -18.02 -30.30
CA GLY D 19 6.51 -18.25 -31.49
C GLY D 19 5.74 -19.17 -32.39
N ALA D 20 6.46 -20.18 -32.85
CA ALA D 20 5.85 -21.15 -33.71
C ALA D 20 4.85 -22.03 -32.96
N TYR D 21 4.65 -21.88 -31.65
CA TYR D 21 3.69 -22.78 -31.01
C TYR D 21 2.40 -22.20 -30.51
N THR D 22 1.36 -22.97 -30.81
CA THR D 22 0.01 -22.65 -30.42
C THR D 22 -0.42 -23.88 -29.66
N LEU D 23 -1.09 -23.72 -28.54
CA LEU D 23 -1.56 -24.93 -27.88
C LEU D 23 -3.03 -24.65 -27.73
N THR D 24 -3.89 -25.51 -28.27
CA THR D 24 -5.33 -25.24 -28.22
C THR D 24 -6.17 -26.24 -27.49
N ILE D 25 -7.09 -25.79 -26.66
CA ILE D 25 -7.99 -26.77 -26.07
C ILE D 25 -9.21 -26.76 -26.99
N GLN D 26 -9.37 -27.86 -27.72
CA GLN D 26 -10.45 -27.99 -28.67
C GLN D 26 -11.76 -28.13 -27.95
N ASN D 27 -12.81 -27.66 -28.61
CA ASN D 27 -14.15 -27.68 -28.06
C ASN D 27 -14.62 -29.08 -27.71
N LYS D 28 -13.96 -30.07 -28.31
CA LYS D 28 -14.29 -31.46 -28.05
C LYS D 28 -13.28 -32.17 -27.15
N CYS D 29 -12.48 -31.39 -26.43
CA CYS D 29 -11.54 -31.94 -25.47
C CYS D 29 -10.21 -32.39 -25.97
N ASN D 30 -9.94 -32.25 -27.25
CA ASN D 30 -8.64 -32.66 -27.60
C ASN D 30 -7.71 -31.46 -27.50
N LEU D 31 -6.76 -31.60 -26.59
CA LEU D 31 -5.74 -30.62 -26.34
C LEU D 31 -4.74 -30.79 -27.46
N VAL D 32 -4.57 -29.78 -28.29
CA VAL D 32 -3.70 -29.98 -29.41
C VAL D 32 -2.61 -28.94 -29.52
N LYS D 33 -1.47 -29.35 -30.04
CA LYS D 33 -0.42 -28.37 -30.16
C LYS D 33 0.02 -28.33 -31.59
N TYR D 34 0.11 -27.11 -32.07
CA TYR D 34 0.52 -26.88 -33.42
C TYR D 34 1.82 -26.21 -33.36
N GLN D 35 2.54 -26.38 -34.44
CA GLN D 35 3.77 -25.72 -34.57
C GLN D 35 3.66 -25.06 -35.91
N ASN D 36 3.62 -23.74 -35.88
CA ASN D 36 3.50 -23.04 -37.11
C ASN D 36 2.23 -23.45 -37.83
N GLY D 37 1.10 -23.44 -37.13
CA GLY D 37 -0.14 -23.80 -37.79
C GLY D 37 -0.37 -25.29 -38.06
N ARG D 38 0.69 -26.11 -38.17
CA ARG D 38 0.52 -27.54 -38.45
C ARG D 38 0.67 -28.43 -37.16
N GLN D 39 -0.36 -29.23 -36.86
CA GLN D 39 -0.39 -30.07 -35.63
C GLN D 39 0.78 -31.00 -35.43
N ILE D 40 1.25 -31.14 -34.19
CA ILE D 40 2.42 -31.99 -33.93
C ILE D 40 2.36 -32.79 -32.66
N TRP D 41 1.29 -32.64 -31.93
CA TRP D 41 1.19 -33.37 -30.72
C TRP D 41 -0.22 -33.09 -30.35
N ALA D 42 -0.79 -33.96 -29.58
CA ALA D 42 -2.15 -33.75 -29.18
C ALA D 42 -2.33 -34.75 -28.12
N SER D 43 -3.24 -34.45 -27.23
CA SER D 43 -3.46 -35.36 -26.15
C SER D 43 -4.34 -36.58 -26.50
N ASN D 44 -4.88 -36.68 -27.71
CA ASN D 44 -5.74 -37.81 -28.05
C ASN D 44 -6.90 -37.94 -27.05
N THR D 45 -7.63 -36.84 -26.86
CA THR D 45 -8.77 -36.89 -25.98
C THR D 45 -10.05 -36.32 -26.61
N ASP D 46 -10.12 -36.41 -27.93
CA ASP D 46 -11.32 -36.01 -28.67
C ASP D 46 -12.47 -36.81 -28.04
N ARG D 47 -13.48 -36.14 -27.53
CA ARG D 47 -14.52 -36.95 -26.96
C ARG D 47 -15.68 -36.85 -27.88
N ARG D 48 -16.85 -37.35 -27.53
CA ARG D 48 -17.82 -37.03 -28.50
C ARG D 48 -18.72 -35.87 -28.02
N GLY D 49 -18.78 -35.56 -26.72
CA GLY D 49 -19.57 -34.40 -26.27
C GLY D 49 -18.80 -33.12 -26.62
N SER D 50 -19.31 -31.93 -26.36
CA SER D 50 -18.55 -30.72 -26.68
C SER D 50 -18.58 -29.68 -25.55
N GLY D 51 -17.97 -28.52 -25.78
CA GLY D 51 -17.92 -27.45 -24.77
C GLY D 51 -16.87 -27.70 -23.70
N CYS D 52 -15.77 -28.31 -24.12
CA CYS D 52 -14.65 -28.63 -23.26
C CYS D 52 -13.91 -27.34 -22.87
N ARG D 53 -12.97 -27.45 -21.93
CA ARG D 53 -12.18 -26.31 -21.46
C ARG D 53 -10.95 -26.78 -20.66
N LEU D 54 -9.87 -25.99 -20.70
CA LEU D 54 -8.63 -26.28 -19.94
C LEU D 54 -8.54 -25.40 -18.66
N THR D 55 -8.13 -25.95 -17.52
CA THR D 55 -7.96 -25.13 -16.30
C THR D 55 -6.74 -25.62 -15.60
N LEU D 56 -6.17 -24.72 -14.82
CA LEU D 56 -5.04 -25.05 -13.99
C LEU D 56 -5.60 -24.81 -12.62
N LEU D 57 -5.59 -25.83 -11.75
CA LEU D 57 -6.18 -25.61 -10.45
C LEU D 57 -5.22 -25.01 -9.48
N SER D 58 -5.72 -24.73 -8.28
CA SER D 58 -4.86 -24.08 -7.34
C SER D 58 -3.82 -24.99 -6.73
N ASP D 59 -3.89 -26.29 -6.99
CA ASP D 59 -2.87 -27.18 -6.49
C ASP D 59 -1.93 -27.43 -7.63
N GLY D 60 -2.17 -26.76 -8.74
CA GLY D 60 -1.23 -26.97 -9.81
C GLY D 60 -1.67 -28.05 -10.75
N ASN D 61 -2.78 -28.71 -10.46
CA ASN D 61 -3.23 -29.72 -11.39
C ASN D 61 -3.69 -29.06 -12.66
N LEU D 62 -3.26 -29.57 -13.80
CA LEU D 62 -3.77 -29.02 -15.02
C LEU D 62 -4.87 -29.96 -15.49
N VAL D 63 -6.09 -29.48 -15.71
CA VAL D 63 -7.10 -30.44 -16.12
C VAL D 63 -7.96 -30.03 -17.30
N ILE D 64 -8.52 -31.00 -17.99
CA ILE D 64 -9.42 -30.69 -19.09
C ILE D 64 -10.82 -31.06 -18.61
N TYR D 65 -11.75 -30.13 -18.45
CA TYR D 65 -13.06 -30.66 -18.07
C TYR D 65 -14.04 -30.59 -19.20
N ASP D 66 -15.00 -31.47 -19.14
CA ASP D 66 -16.02 -31.41 -20.14
C ASP D 66 -17.18 -30.61 -19.61
N HIS D 67 -18.23 -30.57 -20.41
CA HIS D 67 -19.42 -29.80 -20.10
C HIS D 67 -20.12 -30.28 -18.85
N ASN D 68 -19.92 -31.53 -18.45
CA ASN D 68 -20.51 -32.00 -17.20
C ASN D 68 -19.46 -31.99 -16.04
N ASN D 69 -18.28 -31.41 -16.27
CA ASN D 69 -17.18 -31.31 -15.28
C ASN D 69 -16.49 -32.61 -15.00
N ASN D 70 -16.60 -33.48 -15.98
CA ASN D 70 -15.91 -34.69 -15.84
C ASN D 70 -14.50 -34.38 -16.26
N ASP D 71 -13.64 -34.56 -15.27
CA ASP D 71 -12.22 -34.35 -15.39
C ASP D 71 -11.79 -35.40 -16.39
N VAL D 72 -11.67 -34.99 -17.64
CA VAL D 72 -11.34 -35.88 -18.73
C VAL D 72 -9.88 -36.25 -18.95
N TRP D 73 -8.97 -35.36 -18.62
CA TRP D 73 -7.55 -35.58 -18.82
C TRP D 73 -6.85 -34.62 -17.89
N GLY D 74 -5.62 -34.91 -17.50
CA GLY D 74 -4.95 -33.96 -16.63
C GLY D 74 -3.49 -34.31 -16.52
N SER D 75 -2.81 -33.55 -15.66
CA SER D 75 -1.41 -33.78 -15.39
C SER D 75 -1.40 -34.77 -14.24
N ALA D 76 -2.47 -34.73 -13.45
CA ALA D 76 -2.56 -35.60 -12.29
C ALA D 76 -1.23 -35.49 -11.60
N CYS D 77 -0.98 -34.26 -11.14
CA CYS D 77 0.21 -33.83 -10.42
C CYS D 77 -0.03 -32.57 -9.53
N TRP D 78 -0.58 -32.78 -8.32
CA TRP D 78 -0.87 -31.75 -7.30
C TRP D 78 0.42 -31.27 -6.72
N GLY D 79 0.32 -30.07 -6.21
CA GLY D 79 1.46 -29.54 -5.53
C GLY D 79 0.66 -29.27 -4.30
N ASP D 80 1.13 -28.25 -3.63
CA ASP D 80 0.49 -27.78 -2.44
C ASP D 80 -0.28 -26.54 -2.90
N ASN D 81 -1.32 -26.16 -2.19
CA ASN D 81 -2.04 -24.97 -2.58
C ASN D 81 -1.19 -23.75 -2.70
N GLY D 82 -1.63 -22.88 -3.60
CA GLY D 82 -0.95 -21.64 -3.87
C GLY D 82 -1.41 -21.14 -5.23
N LYS D 83 -0.45 -20.67 -6.00
CA LYS D 83 -0.74 -20.20 -7.33
C LYS D 83 0.39 -20.77 -8.19
N TYR D 84 0.05 -21.14 -9.42
CA TYR D 84 0.96 -21.72 -10.42
C TYR D 84 0.82 -21.00 -11.76
N ALA D 85 1.64 -21.38 -12.74
CA ALA D 85 1.57 -20.73 -14.03
C ALA D 85 1.80 -21.74 -15.13
N LEU D 86 0.77 -21.99 -15.93
CA LEU D 86 1.02 -22.91 -17.02
C LEU D 86 1.73 -22.11 -18.06
N VAL D 87 2.92 -22.48 -18.49
CA VAL D 87 3.42 -21.63 -19.54
C VAL D 87 3.87 -22.38 -20.76
N LEU D 88 3.28 -22.00 -21.89
CA LEU D 88 3.59 -22.62 -23.18
C LEU D 88 4.83 -21.88 -23.67
N GLN D 89 5.97 -22.51 -23.50
CA GLN D 89 7.26 -21.92 -23.88
C GLN D 89 7.53 -21.84 -25.35
N LYS D 90 8.38 -20.90 -25.74
CA LYS D 90 8.69 -20.82 -27.15
C LYS D 90 9.24 -22.11 -27.73
N ASP D 91 9.69 -23.03 -26.90
CA ASP D 91 10.21 -24.25 -27.48
C ASP D 91 9.15 -25.32 -27.61
N GLY D 92 7.91 -24.94 -27.37
CA GLY D 92 6.89 -25.95 -27.56
C GLY D 92 6.56 -26.76 -26.32
N ARG D 93 7.50 -26.96 -25.37
CA ARG D 93 7.16 -27.68 -24.13
C ARG D 93 6.11 -26.76 -23.45
N PHE D 94 5.13 -27.29 -22.75
CA PHE D 94 4.30 -26.35 -21.98
C PHE D 94 4.50 -26.87 -20.58
N VAL D 95 4.69 -25.97 -19.63
CA VAL D 95 5.13 -26.45 -18.33
C VAL D 95 4.41 -25.76 -17.22
N ILE D 96 4.17 -26.48 -16.14
CA ILE D 96 3.48 -25.89 -15.01
C ILE D 96 4.49 -25.46 -14.00
N TYR D 97 4.62 -24.13 -13.88
CA TYR D 97 5.49 -23.60 -12.90
C TYR D 97 4.86 -23.32 -11.56
N GLY D 98 5.53 -24.14 -10.72
CA GLY D 98 5.57 -24.47 -9.25
C GLY D 98 4.81 -23.59 -8.27
N PRO D 99 4.43 -23.98 -6.99
CA PRO D 99 3.69 -22.86 -6.39
C PRO D 99 4.49 -21.62 -6.47
N VAL D 100 4.08 -20.52 -5.89
CA VAL D 100 4.93 -19.35 -6.11
C VAL D 100 6.09 -19.22 -5.15
N LEU D 101 7.17 -18.67 -5.69
CA LEU D 101 8.37 -18.47 -4.93
C LEU D 101 8.63 -17.06 -4.44
N TRP D 102 8.62 -16.14 -5.39
CA TRP D 102 8.94 -14.80 -5.07
C TRP D 102 8.05 -13.77 -5.73
N SER D 103 7.82 -12.66 -5.02
CA SER D 103 7.00 -11.55 -5.53
C SER D 103 7.30 -10.28 -4.71
N LEU D 104 7.14 -9.07 -5.26
CA LEU D 104 7.40 -7.88 -4.39
C LEU D 104 6.30 -7.80 -3.34
N GLY D 105 6.56 -7.12 -2.23
CA GLY D 105 5.49 -7.00 -1.25
C GLY D 105 5.87 -7.56 0.09
N PRO D 106 5.17 -7.09 1.13
CA PRO D 106 5.46 -7.57 2.47
C PRO D 106 5.87 -9.04 2.63
N ASN D 107 5.08 -10.01 2.20
CA ASN D 107 5.58 -11.36 2.43
C ASN D 107 5.77 -12.18 1.22
N GLY D 108 6.42 -11.46 0.31
CA GLY D 108 6.69 -11.91 -1.04
C GLY D 108 7.51 -13.14 -1.29
N CYS D 109 8.57 -13.32 -0.52
CA CYS D 109 9.42 -14.50 -0.68
C CYS D 109 8.76 -15.58 0.15
N ARG D 110 8.87 -16.80 -0.33
CA ARG D 110 8.13 -17.87 0.29
C ARG D 110 8.88 -19.03 0.82
N ARG D 111 10.15 -19.10 0.52
CA ARG D 111 10.85 -20.24 1.01
C ARG D 111 12.07 -19.75 1.76
N ASP E 1 -19.03 29.86 26.02
CA ASP E 1 -18.85 28.54 25.43
C ASP E 1 -17.59 27.88 25.86
N SER E 2 -17.77 26.59 25.74
CA SER E 2 -16.86 25.53 26.04
C SER E 2 -15.42 25.61 25.53
N VAL E 3 -15.14 26.47 24.56
CA VAL E 3 -13.80 26.47 23.98
C VAL E 3 -13.25 27.83 23.71
N LEU E 4 -11.96 28.01 23.85
CA LEU E 4 -11.41 29.29 23.50
C LEU E 4 -10.08 28.96 22.82
N LEU E 5 -9.97 29.35 21.56
CA LEU E 5 -8.76 29.02 20.83
C LEU E 5 -7.74 30.11 20.68
N SER E 6 -6.52 29.60 20.55
CA SER E 6 -5.29 30.35 20.32
C SER E 6 -5.71 31.57 19.59
N GLY E 7 -5.46 32.73 20.13
CA GLY E 7 -5.85 33.85 19.32
C GLY E 7 -7.16 34.48 19.71
N GLN E 8 -8.09 33.74 20.30
CA GLN E 8 -9.39 34.34 20.70
C GLN E 8 -9.36 34.99 22.09
N THR E 9 -10.39 35.72 22.48
CA THR E 9 -10.32 36.28 23.81
C THR E 9 -11.61 36.25 24.63
N LEU E 10 -11.44 35.99 25.92
CA LEU E 10 -12.56 35.95 26.85
C LEU E 10 -12.58 37.26 27.63
N TYR E 11 -13.66 37.99 27.45
CA TYR E 11 -13.81 39.29 28.08
C TYR E 11 -14.57 39.32 29.35
N ALA E 12 -14.02 40.17 30.21
CA ALA E 12 -14.50 40.47 31.56
C ALA E 12 -15.99 40.23 31.65
N GLY E 13 -16.30 39.34 32.59
CA GLY E 13 -17.65 38.93 32.88
C GLY E 13 -18.16 37.85 31.93
N HIS E 14 -17.27 37.22 31.17
CA HIS E 14 -17.71 36.17 30.25
C HIS E 14 -17.17 34.83 30.63
N SER E 15 -17.88 33.78 30.24
CA SER E 15 -17.48 32.47 30.70
C SER E 15 -17.51 31.35 29.72
N LEU E 16 -16.60 30.42 29.95
CA LEU E 16 -16.72 29.26 29.16
C LEU E 16 -17.66 28.41 29.99
N THR E 17 -18.58 27.69 29.37
CA THR E 17 -19.38 26.80 30.18
C THR E 17 -19.47 25.45 29.53
N SER E 18 -19.53 24.42 30.36
CA SER E 18 -19.59 23.06 29.86
C SER E 18 -20.13 22.18 30.98
N GLY E 19 -21.21 21.45 30.68
CA GLY E 19 -21.82 20.62 31.70
C GLY E 19 -22.12 21.56 32.86
N SER E 20 -21.83 21.17 34.09
CA SER E 20 -22.14 22.11 35.16
C SER E 20 -20.97 22.97 35.60
N TYR E 21 -20.00 23.10 34.72
CA TYR E 21 -18.87 23.92 35.04
C TYR E 21 -18.97 25.24 34.32
N THR E 22 -18.38 26.26 34.93
CA THR E 22 -18.40 27.60 34.39
C THR E 22 -17.06 28.19 34.73
N LEU E 23 -16.47 28.87 33.77
CA LEU E 23 -15.15 29.42 34.04
C LEU E 23 -15.21 30.85 33.61
N THR E 24 -15.14 31.74 34.59
CA THR E 24 -15.30 33.13 34.28
C THR E 24 -14.15 34.05 34.57
N ILE E 25 -13.90 34.95 33.63
CA ILE E 25 -12.92 35.96 33.92
C ILE E 25 -13.75 37.10 34.55
N GLN E 26 -13.98 36.95 35.86
CA GLN E 26 -14.72 37.87 36.77
C GLN E 26 -14.41 39.35 36.46
N ASN E 27 -15.25 40.32 36.86
CA ASN E 27 -14.92 41.70 36.49
C ASN E 27 -13.75 42.22 37.35
N ASN E 28 -13.51 41.58 38.51
CA ASN E 28 -12.28 41.86 39.28
C ASN E 28 -11.40 40.96 38.41
N CYS E 29 -10.18 40.58 38.75
CA CYS E 29 -9.55 39.73 37.75
C CYS E 29 -9.47 38.31 38.18
N ASN E 30 -10.51 37.82 38.81
CA ASN E 30 -10.39 36.47 39.23
C ASN E 30 -10.84 35.50 38.20
N LEU E 31 -9.94 34.63 37.79
CA LEU E 31 -10.40 33.60 36.90
C LEU E 31 -11.01 32.63 37.90
N VAL E 32 -12.30 32.32 37.77
CA VAL E 32 -12.82 31.39 38.73
C VAL E 32 -13.55 30.31 38.03
N LYS E 33 -13.45 29.12 38.61
CA LYS E 33 -14.16 27.99 38.05
C LYS E 33 -15.45 27.88 38.85
N TYR E 34 -16.47 27.19 38.35
CA TYR E 34 -17.64 27.01 39.18
C TYR E 34 -18.15 25.65 38.89
N GLN E 35 -18.81 25.10 39.89
CA GLN E 35 -19.44 23.84 39.73
C GLN E 35 -20.84 24.16 40.19
N HIS E 36 -21.76 24.32 39.23
CA HIS E 36 -23.19 24.61 39.54
C HIS E 36 -23.53 25.73 40.46
N GLY E 37 -22.81 26.81 40.48
CA GLY E 37 -23.21 27.82 41.44
C GLY E 37 -22.21 27.88 42.57
N ARG E 38 -21.35 26.86 42.65
CA ARG E 38 -20.31 26.80 43.69
C ARG E 38 -18.90 27.09 43.16
N GLN E 39 -18.17 27.91 43.92
CA GLN E 39 -16.80 28.27 43.55
C GLN E 39 -15.82 27.18 43.88
N ILE E 40 -15.09 26.78 42.88
CA ILE E 40 -14.18 25.72 43.14
C ILE E 40 -12.75 26.06 42.92
N TRP E 41 -12.44 27.04 42.10
CA TRP E 41 -11.04 27.27 41.86
C TRP E 41 -10.83 28.67 41.43
N ALA E 42 -9.74 29.27 41.86
CA ALA E 42 -9.59 30.63 41.48
C ALA E 42 -8.23 30.99 41.06
N SER E 43 -8.17 32.04 40.27
CA SER E 43 -6.87 32.51 39.87
C SER E 43 -6.21 33.23 41.06
N ASP E 44 -7.02 33.65 42.05
CA ASP E 44 -6.57 34.39 43.23
C ASP E 44 -5.87 35.69 42.83
N THR E 45 -6.38 36.28 41.76
CA THR E 45 -5.86 37.53 41.26
C THR E 45 -6.99 38.53 41.15
N ASP E 46 -8.02 38.29 41.96
CA ASP E 46 -9.14 39.19 42.03
C ASP E 46 -8.57 40.52 42.53
N GLY E 47 -9.15 41.62 42.05
CA GLY E 47 -8.73 42.95 42.40
C GLY E 47 -7.36 43.32 41.86
N GLN E 48 -6.70 42.46 41.09
CA GLN E 48 -5.35 42.83 40.63
C GLN E 48 -5.33 43.64 39.32
N GLY E 49 -6.51 44.11 38.93
CA GLY E 49 -6.68 44.91 37.74
C GLY E 49 -8.15 44.84 37.47
N SER E 50 -8.67 45.76 36.69
CA SER E 50 -10.08 45.67 36.39
C SER E 50 -10.16 45.26 34.94
N GLN E 51 -11.35 45.34 34.36
CA GLN E 51 -11.56 44.93 32.97
C GLN E 51 -10.55 43.90 32.44
N CYS E 52 -10.37 42.81 33.19
CA CYS E 52 -9.46 41.76 32.75
C CYS E 52 -10.06 40.83 31.72
N ARG E 53 -9.20 40.34 30.83
CA ARG E 53 -9.63 39.41 29.82
C ARG E 53 -8.68 38.26 29.80
N LEU E 54 -9.21 37.21 29.20
CA LEU E 54 -8.47 35.99 29.09
C LEU E 54 -8.13 35.70 27.65
N THR E 55 -6.86 35.45 27.38
CA THR E 55 -6.55 35.02 26.05
C THR E 55 -5.62 33.85 26.17
N LEU E 56 -5.63 33.06 25.11
CA LEU E 56 -4.77 31.91 25.00
C LEU E 56 -3.81 32.30 23.88
N ARG E 57 -2.52 32.30 24.16
CA ARG E 57 -1.57 32.65 23.13
C ARG E 57 -1.42 31.53 22.09
N SER E 58 -0.94 31.88 20.91
CA SER E 58 -0.82 30.91 19.83
C SER E 58 0.27 29.86 20.05
N ASP E 59 0.92 29.95 21.20
CA ASP E 59 1.92 28.97 21.63
C ASP E 59 1.34 28.28 22.89
N GLY E 60 0.12 28.63 23.29
CA GLY E 60 -0.46 27.99 24.47
C GLY E 60 -0.43 28.67 25.83
N ASN E 61 0.21 29.82 26.01
CA ASN E 61 0.13 30.40 27.33
C ASN E 61 -1.07 31.23 27.57
N LEU E 62 -1.87 30.69 28.48
CA LEU E 62 -3.10 31.26 28.94
C LEU E 62 -2.78 32.43 29.82
N ILE E 63 -3.10 33.60 29.29
CA ILE E 63 -2.78 34.85 29.92
C ILE E 63 -3.96 35.66 30.37
N ILE E 64 -3.85 36.24 31.55
CA ILE E 64 -4.92 37.12 31.92
C ILE E 64 -4.36 38.53 31.76
N TYR E 65 -5.06 39.36 30.98
CA TYR E 65 -4.66 40.74 30.74
C TYR E 65 -5.61 41.75 31.45
N ASP E 66 -5.07 42.75 32.17
CA ASP E 66 -5.94 43.75 32.78
C ASP E 66 -6.07 44.89 31.74
N ASP E 67 -7.00 45.84 31.95
CA ASP E 67 -7.22 46.94 30.98
C ASP E 67 -5.93 47.66 30.53
N ASN E 68 -4.89 47.65 31.38
CA ASN E 68 -3.55 48.24 31.11
C ASN E 68 -2.67 47.18 30.45
N ASN E 69 -3.27 46.48 29.48
CA ASN E 69 -2.65 45.36 28.79
C ASN E 69 -1.52 44.75 29.64
N MET E 70 -1.73 44.47 30.93
CA MET E 70 -0.62 43.89 31.69
C MET E 70 -0.82 42.44 32.10
N VAL E 71 0.20 41.63 31.92
CA VAL E 71 0.10 40.24 32.31
C VAL E 71 -0.07 40.25 33.81
N VAL E 72 -1.12 39.57 34.25
CA VAL E 72 -1.51 39.51 35.63
C VAL E 72 -1.38 38.11 36.18
N TRP E 73 -1.67 37.19 35.27
CA TRP E 73 -1.64 35.75 35.54
C TRP E 73 -1.29 34.99 34.28
N GLY E 74 -0.78 33.78 34.47
CA GLY E 74 -0.44 32.97 33.33
C GLY E 74 -0.38 31.49 33.60
N SER E 75 -0.59 30.71 32.54
CA SER E 75 -0.50 29.27 32.66
C SER E 75 1.01 28.97 32.75
N ASP E 76 1.78 29.93 32.23
CA ASP E 76 3.25 29.94 32.13
C ASP E 76 3.73 28.58 31.69
N CYS E 77 3.39 28.31 30.44
CA CYS E 77 3.62 27.04 29.79
C CYS E 77 3.19 27.15 28.32
N TRP E 78 4.18 27.18 27.43
CA TRP E 78 4.02 27.30 25.98
C TRP E 78 4.50 26.05 25.29
N GLY E 79 4.17 25.97 24.00
CA GLY E 79 4.64 24.88 23.20
C GLY E 79 4.92 25.48 21.84
N ASN E 80 5.13 24.60 20.90
CA ASN E 80 5.31 24.97 19.52
C ASN E 80 4.33 26.09 19.13
N ASN E 81 4.76 27.10 18.39
CA ASN E 81 3.82 28.10 17.91
C ASN E 81 2.74 27.34 17.13
N GLY E 82 1.47 27.73 17.22
CA GLY E 82 0.45 27.03 16.48
C GLY E 82 -0.92 27.56 16.81
N THR E 83 -1.81 26.64 17.15
CA THR E 83 -3.17 26.96 17.53
C THR E 83 -3.55 25.97 18.59
N TYR E 84 -3.93 26.47 19.75
CA TYR E 84 -4.29 25.58 20.84
C TYR E 84 -5.71 25.80 21.27
N ALA E 85 -6.22 24.83 22.00
CA ALA E 85 -7.59 24.95 22.47
C ALA E 85 -7.74 24.89 23.97
N LEU E 86 -8.31 25.92 24.57
CA LEU E 86 -8.61 25.82 26.00
C LEU E 86 -10.01 25.31 25.96
N VAL E 87 -10.21 24.24 26.68
CA VAL E 87 -11.52 23.72 26.69
C VAL E 87 -11.92 23.44 28.10
N LEU E 88 -13.12 23.89 28.39
CA LEU E 88 -13.70 23.63 29.68
C LEU E 88 -14.45 22.32 29.44
N GLN E 89 -14.01 21.30 30.14
CA GLN E 89 -14.56 19.98 29.93
C GLN E 89 -15.71 19.61 30.86
N GLN E 90 -16.63 18.84 30.30
CA GLN E 90 -17.80 18.37 31.01
C GLN E 90 -17.42 17.62 32.29
N ASP E 91 -16.13 17.45 32.58
CA ASP E 91 -15.79 16.75 33.81
C ASP E 91 -15.12 17.68 34.80
N GLY E 92 -15.09 18.97 34.47
CA GLY E 92 -14.54 19.92 35.40
C GLY E 92 -13.23 20.53 35.02
N LEU E 93 -12.43 19.81 34.26
CA LEU E 93 -11.12 20.31 33.85
C LEU E 93 -11.14 21.35 32.75
N PHE E 94 -10.26 22.33 32.92
CA PHE E 94 -10.04 23.23 31.83
C PHE E 94 -8.59 22.98 31.44
N VAL E 95 -8.51 22.29 30.31
CA VAL E 95 -7.29 21.86 29.70
C VAL E 95 -6.98 22.61 28.41
N ILE E 96 -5.68 22.77 28.20
CA ILE E 96 -5.12 23.41 27.03
C ILE E 96 -4.58 22.28 26.20
N TYR E 97 -5.18 22.16 25.04
CA TYR E 97 -4.85 21.12 24.12
C TYR E 97 -3.84 21.57 23.03
N GLY E 98 -2.73 20.80 22.98
CA GLY E 98 -1.55 20.92 22.11
C GLY E 98 -1.71 21.57 20.76
N PRO E 99 -0.61 21.89 20.05
CA PRO E 99 -0.81 22.54 18.76
C PRO E 99 -1.67 21.67 17.85
N VAL E 100 -2.18 22.25 16.77
CA VAL E 100 -3.05 21.51 15.86
C VAL E 100 -2.46 20.15 15.36
N LEU E 101 -3.24 19.05 15.37
CA LEU E 101 -2.72 17.74 14.91
C LEU E 101 -3.26 17.42 13.57
N TRP E 102 -4.54 17.20 13.50
CA TRP E 102 -4.95 16.96 12.19
C TRP E 102 -5.44 18.31 11.66
N PRO E 103 -5.79 18.42 10.34
CA PRO E 103 -6.13 19.67 9.78
C PRO E 103 -5.11 20.64 9.81
N LEU E 104 -4.28 20.37 8.85
CA LEU E 104 -3.26 21.24 8.52
C LEU E 104 -3.64 21.37 7.08
N GLY E 105 -4.26 22.47 6.74
CA GLY E 105 -4.69 22.57 5.37
C GLY E 105 -5.90 21.68 5.18
N LEU E 106 -6.09 21.17 3.97
CA LEU E 106 -7.26 20.38 3.72
C LEU E 106 -7.27 19.02 4.44
N ASN E 107 -6.08 18.46 4.70
CA ASN E 107 -5.96 17.13 5.32
C ASN E 107 -4.50 16.82 5.73
N GLY E 108 -3.64 17.82 5.81
CA GLY E 108 -2.24 17.58 6.22
C GLY E 108 -2.13 17.18 7.69
N CYS E 109 -1.24 16.22 8.00
CA CYS E 109 -1.07 15.67 9.35
C CYS E 109 0.04 16.25 10.30
N ARG E 110 1.04 15.46 10.72
CA ARG E 110 2.12 15.89 11.65
C ARG E 110 2.89 14.59 11.95
N SER E 111 4.20 14.60 11.74
CA SER E 111 4.98 13.37 11.90
C SER E 111 6.25 13.44 11.02
N ASP F 1 -22.25 20.30 23.13
CA ASP F 1 -20.85 19.80 22.89
C ASP F 1 -20.41 20.23 21.47
N ASN F 2 -19.25 20.87 21.37
CA ASN F 2 -18.64 21.15 20.08
C ASN F 2 -17.24 20.57 20.26
N VAL F 3 -17.22 19.69 21.26
CA VAL F 3 -16.05 19.02 21.69
C VAL F 3 -16.29 17.55 21.92
N LEU F 4 -15.33 16.79 21.44
CA LEU F 4 -15.33 15.36 21.64
C LEU F 4 -13.87 15.08 21.97
N LEU F 5 -13.63 14.68 23.22
CA LEU F 5 -12.28 14.40 23.68
C LEU F 5 -11.95 12.95 23.46
N SER F 6 -10.67 12.62 23.46
CA SER F 6 -10.34 11.23 23.24
C SER F 6 -10.91 10.36 24.34
N GLY F 7 -11.42 9.22 23.89
CA GLY F 7 -12.06 8.29 24.78
C GLY F 7 -13.53 8.56 24.65
N GLN F 8 -13.90 9.72 24.13
CA GLN F 8 -15.32 9.89 24.07
C GLN F 8 -15.87 9.34 22.77
N THR F 9 -17.16 9.53 22.61
CA THR F 9 -17.85 9.03 21.46
C THR F 9 -19.06 9.83 21.11
N LEU F 10 -19.12 10.13 19.82
CA LEU F 10 -20.29 10.80 19.31
C LEU F 10 -21.13 9.63 18.78
N HIS F 11 -22.26 9.36 19.42
CA HIS F 11 -23.12 8.27 18.99
C HIS F 11 -23.97 8.57 17.76
N ALA F 12 -24.46 7.50 17.15
CA ALA F 12 -25.25 7.57 15.94
C ALA F 12 -26.29 8.67 15.95
N ASP F 13 -26.41 9.35 14.81
CA ASP F 13 -27.36 10.43 14.66
C ASP F 13 -27.23 11.48 15.77
N HIS F 14 -26.02 11.68 16.30
CA HIS F 14 -25.76 12.72 17.32
C HIS F 14 -24.84 13.70 16.65
N SER F 15 -24.44 14.76 17.34
CA SER F 15 -23.62 15.72 16.63
C SER F 15 -22.87 16.71 17.47
N LEU F 16 -22.04 17.49 16.77
CA LEU F 16 -21.30 18.57 17.39
C LEU F 16 -21.91 19.85 16.83
N GLN F 17 -22.23 20.87 17.62
CA GLN F 17 -22.73 22.10 16.96
C GLN F 17 -21.84 23.28 17.32
N ALA F 18 -21.62 24.20 16.39
CA ALA F 18 -20.82 25.40 16.64
C ALA F 18 -21.06 26.43 15.53
N GLY F 19 -21.47 27.65 15.90
CA GLY F 19 -21.75 28.67 14.91
C GLY F 19 -22.84 28.12 13.98
N ALA F 20 -22.79 28.46 12.70
CA ALA F 20 -23.80 27.93 11.81
C ALA F 20 -23.64 26.44 11.57
N TYR F 21 -22.53 25.85 12.02
CA TYR F 21 -22.24 24.45 11.71
C TYR F 21 -22.64 23.29 12.57
N THR F 22 -22.79 22.14 11.92
CA THR F 22 -23.18 20.91 12.60
C THR F 22 -22.43 19.71 12.06
N LEU F 23 -21.84 18.93 12.96
CA LEU F 23 -21.16 17.73 12.53
C LEU F 23 -21.95 16.58 13.08
N THR F 24 -22.49 15.78 12.18
CA THR F 24 -23.25 14.67 12.63
C THR F 24 -22.69 13.38 12.16
N ILE F 25 -22.67 12.39 13.03
CA ILE F 25 -22.26 11.10 12.55
C ILE F 25 -23.56 10.32 12.47
N GLN F 26 -23.93 9.90 11.26
CA GLN F 26 -25.20 9.19 11.10
C GLN F 26 -25.16 7.70 11.33
N ASN F 27 -26.31 7.19 11.77
CA ASN F 27 -26.49 5.77 12.07
C ASN F 27 -25.96 4.90 10.97
N LYS F 28 -26.40 5.19 9.74
CA LYS F 28 -25.97 4.42 8.60
C LYS F 28 -24.59 4.80 8.06
N CYS F 29 -23.75 5.20 9.00
CA CYS F 29 -22.31 5.46 8.80
C CYS F 29 -21.65 6.70 8.16
N ASN F 30 -22.41 7.68 7.66
CA ASN F 30 -21.81 8.86 7.01
C ASN F 30 -21.60 10.00 8.00
N LEU F 31 -20.48 10.68 7.81
CA LEU F 31 -20.13 11.82 8.63
C LEU F 31 -20.51 13.10 7.90
N VAL F 32 -21.57 13.76 8.34
CA VAL F 32 -22.04 14.97 7.65
C VAL F 32 -21.75 16.32 8.30
N LYS F 33 -21.29 17.29 7.50
CA LYS F 33 -21.04 18.65 7.98
C LYS F 33 -22.13 19.56 7.42
N TYR F 34 -23.11 19.96 8.24
CA TYR F 34 -24.14 20.89 7.75
C TYR F 34 -23.71 22.30 8.02
N GLN F 35 -24.27 23.20 7.24
CA GLN F 35 -24.03 24.61 7.41
C GLN F 35 -25.43 25.20 7.30
N ASN F 36 -25.94 25.62 8.44
CA ASN F 36 -27.29 26.18 8.48
C ASN F 36 -28.27 25.30 7.83
N GLY F 37 -28.43 24.07 8.20
CA GLY F 37 -29.45 23.37 7.48
C GLY F 37 -28.93 22.56 6.31
N ARG F 38 -28.10 23.06 5.42
CA ARG F 38 -27.76 22.13 4.36
C ARG F 38 -26.45 21.41 4.44
N GLN F 39 -26.45 20.21 3.90
CA GLN F 39 -25.24 19.44 3.92
C GLN F 39 -24.14 20.07 3.11
N ILE F 40 -22.94 20.24 3.69
CA ILE F 40 -21.86 20.78 2.88
C ILE F 40 -20.53 20.02 2.83
N TRP F 41 -20.45 18.96 3.59
CA TRP F 41 -19.27 18.11 3.57
C TRP F 41 -19.78 16.80 4.05
N ALA F 42 -19.03 15.76 3.72
CA ALA F 42 -19.42 14.45 4.17
C ALA F 42 -18.23 13.53 4.07
N SER F 43 -18.22 12.50 4.87
CA SER F 43 -17.09 11.60 4.73
C SER F 43 -17.33 10.59 3.58
N ASN F 44 -18.53 10.58 2.99
CA ASN F 44 -18.81 9.70 1.85
C ASN F 44 -18.59 8.25 2.18
N THR F 45 -19.08 7.97 3.38
CA THR F 45 -19.07 6.67 3.95
C THR F 45 -20.52 6.29 4.20
N ASP F 46 -21.43 6.89 3.42
CA ASP F 46 -22.80 6.47 3.56
C ASP F 46 -22.89 5.00 3.16
N ARG F 47 -23.60 4.26 4.00
CA ARG F 47 -23.87 2.84 3.81
C ARG F 47 -22.80 1.87 4.29
N ARG F 48 -21.60 2.40 4.48
CA ARG F 48 -20.48 1.57 4.87
C ARG F 48 -20.70 0.77 6.13
N GLY F 49 -21.76 1.05 6.87
CA GLY F 49 -22.01 0.25 8.05
C GLY F 49 -23.31 0.60 8.74
N SER F 50 -23.42 0.20 10.00
CA SER F 50 -24.60 0.52 10.77
C SER F 50 -24.31 0.87 12.23
N GLY F 51 -25.26 1.58 12.83
CA GLY F 51 -25.14 2.06 14.20
C GLY F 51 -23.70 2.53 14.38
N CYS F 52 -23.21 3.36 13.47
CA CYS F 52 -21.84 3.79 13.61
C CYS F 52 -21.76 4.95 14.56
N ARG F 53 -20.54 5.29 14.93
CA ARG F 53 -20.32 6.41 15.80
C ARG F 53 -18.94 7.00 15.58
N LEU F 54 -18.76 8.21 16.08
CA LEU F 54 -17.49 8.88 15.95
C LEU F 54 -16.74 8.80 17.28
N THR F 55 -15.43 8.68 17.23
CA THR F 55 -14.68 8.61 18.49
C THR F 55 -13.26 9.05 18.27
N LEU F 56 -12.66 9.59 19.32
CA LEU F 56 -11.31 10.11 19.22
C LEU F 56 -10.38 9.22 20.00
N LEU F 57 -9.27 8.79 19.42
CA LEU F 57 -8.43 7.89 20.16
C LEU F 57 -7.37 8.53 21.02
N SER F 58 -6.80 7.76 21.94
CA SER F 58 -5.77 8.30 22.84
C SER F 58 -4.68 8.93 22.02
N ASP F 59 -4.75 8.77 20.71
CA ASP F 59 -3.68 9.27 19.89
C ASP F 59 -4.00 10.25 18.76
N GLY F 60 -5.17 10.86 18.85
CA GLY F 60 -5.56 11.90 17.90
C GLY F 60 -6.20 11.42 16.63
N ASN F 61 -6.38 10.12 16.61
CA ASN F 61 -6.97 9.54 15.46
C ASN F 61 -8.46 9.51 15.62
N LEU F 62 -9.11 10.19 14.70
CA LEU F 62 -10.53 10.31 14.69
C LEU F 62 -11.08 9.13 13.90
N VAL F 63 -11.96 8.33 14.48
CA VAL F 63 -12.38 7.18 13.72
C VAL F 63 -13.86 6.91 13.79
N ILE F 64 -14.43 6.55 12.65
CA ILE F 64 -15.82 6.17 12.60
C ILE F 64 -15.86 4.64 12.71
N TYR F 65 -16.50 4.15 13.77
CA TYR F 65 -16.67 2.71 13.96
C TYR F 65 -18.13 2.36 13.76
N ASP F 66 -18.37 1.23 13.08
CA ASP F 66 -19.73 0.77 12.84
C ASP F 66 -20.11 -0.10 14.05
N HIS F 67 -21.40 -0.35 14.29
CA HIS F 67 -21.72 -1.09 15.49
C HIS F 67 -20.83 -2.31 15.71
N ASN F 68 -20.22 -2.93 14.69
CA ASN F 68 -19.35 -4.10 15.02
C ASN F 68 -17.88 -3.74 15.24
N ASN F 69 -17.59 -2.45 15.25
CA ASN F 69 -16.26 -1.93 15.41
C ASN F 69 -15.37 -2.04 14.18
N ASN F 70 -15.91 -2.04 12.96
CA ASN F 70 -14.93 -2.01 11.91
C ASN F 70 -14.69 -0.51 11.65
N ASP F 71 -13.39 -0.16 11.55
CA ASP F 71 -12.97 1.20 11.26
C ASP F 71 -13.56 1.52 9.93
N VAL F 72 -14.53 2.42 9.86
CA VAL F 72 -15.04 2.65 8.53
C VAL F 72 -14.38 3.85 7.88
N TRP F 73 -13.72 4.61 8.73
CA TRP F 73 -13.14 5.89 8.33
C TRP F 73 -12.16 6.42 9.36
N GLY F 74 -11.18 7.23 8.94
CA GLY F 74 -10.24 7.77 9.92
C GLY F 74 -9.58 9.08 9.53
N SER F 75 -8.98 9.79 10.49
CA SER F 75 -8.28 11.03 10.17
C SER F 75 -6.95 10.55 9.62
N ALA F 76 -6.67 9.29 9.92
CA ALA F 76 -5.44 8.67 9.50
C ALA F 76 -4.33 9.63 9.85
N CYS F 77 -4.29 10.04 11.10
CA CYS F 77 -3.24 10.97 11.47
C CYS F 77 -3.03 10.76 12.92
N TRP F 78 -1.81 10.65 13.38
CA TRP F 78 -1.81 10.38 14.79
C TRP F 78 -0.58 10.69 15.49
N GLY F 79 -0.46 10.36 16.75
CA GLY F 79 0.85 10.76 17.17
C GLY F 79 1.53 10.03 18.26
N ASP F 80 1.55 10.78 19.34
CA ASP F 80 2.05 10.38 20.65
C ASP F 80 0.81 9.99 21.42
N ASN F 81 0.86 9.00 22.31
CA ASN F 81 -0.42 8.66 22.99
C ASN F 81 -0.67 9.73 24.08
N GLY F 82 -1.92 10.04 24.40
CA GLY F 82 -2.19 11.06 25.42
C GLY F 82 -3.65 11.53 25.41
N LYS F 83 -3.91 12.81 25.62
CA LYS F 83 -5.29 13.31 25.55
C LYS F 83 -5.36 14.31 24.39
N TYR F 84 -6.40 14.19 23.57
CA TYR F 84 -6.63 15.04 22.41
C TYR F 84 -8.00 15.60 22.40
N ALA F 85 -8.20 16.73 21.75
CA ALA F 85 -9.54 17.27 21.66
C ALA F 85 -9.91 17.63 20.24
N LEU F 86 -11.13 17.26 19.89
CA LEU F 86 -11.65 17.56 18.59
C LEU F 86 -12.64 18.70 18.72
N VAL F 87 -12.33 19.85 18.13
CA VAL F 87 -13.32 20.88 18.24
C VAL F 87 -13.82 21.37 16.89
N LEU F 88 -15.15 21.42 16.78
CA LEU F 88 -15.84 21.96 15.60
C LEU F 88 -15.79 23.46 15.83
N GLN F 89 -14.89 24.12 15.12
CA GLN F 89 -14.72 25.54 15.23
C GLN F 89 -15.94 26.18 14.61
N LYS F 90 -16.15 27.46 14.90
CA LYS F 90 -17.32 28.17 14.42
C LYS F 90 -17.21 28.51 12.96
N ASP F 91 -15.99 28.42 12.44
CA ASP F 91 -15.78 28.64 11.01
C ASP F 91 -16.11 27.32 10.25
N GLY F 92 -16.52 26.28 10.96
CA GLY F 92 -16.87 25.08 10.20
C GLY F 92 -15.83 23.98 10.12
N ARG F 93 -14.55 24.23 10.36
CA ARG F 93 -13.74 23.02 10.29
C ARG F 93 -13.64 22.42 11.67
N PHE F 94 -13.67 21.08 11.70
CA PHE F 94 -13.48 20.39 12.94
C PHE F 94 -11.99 20.13 12.91
N VAL F 95 -11.37 20.27 14.07
CA VAL F 95 -9.94 20.19 14.15
C VAL F 95 -9.54 19.47 15.41
N ILE F 96 -8.43 18.75 15.33
CA ILE F 96 -8.00 18.01 16.48
C ILE F 96 -6.84 18.63 17.15
N TYR F 97 -6.98 18.81 18.44
CA TYR F 97 -5.92 19.42 19.15
C TYR F 97 -4.98 18.46 19.94
N GLY F 98 -3.71 18.54 19.48
CA GLY F 98 -2.46 17.81 19.85
C GLY F 98 -2.44 17.21 21.26
N PRO F 99 -1.32 16.91 21.98
CA PRO F 99 -1.78 16.38 23.28
C PRO F 99 -1.87 17.50 24.27
N VAL F 100 -2.01 17.10 25.52
CA VAL F 100 -2.19 18.09 26.52
C VAL F 100 -0.98 18.95 26.75
N LEU F 101 -1.15 20.24 26.55
CA LEU F 101 -0.05 21.13 26.83
C LEU F 101 -0.07 21.40 28.32
N TRP F 102 -1.17 21.99 28.75
CA TRP F 102 -1.28 22.40 30.13
C TRP F 102 -2.64 22.19 30.77
N SER F 103 -2.63 22.00 32.09
CA SER F 103 -3.81 21.89 32.96
C SER F 103 -3.32 22.29 34.37
N LEU F 104 -4.21 22.55 35.34
CA LEU F 104 -3.75 22.95 36.68
C LEU F 104 -3.03 21.79 37.32
N GLY F 105 -2.52 21.96 38.52
CA GLY F 105 -1.90 20.79 39.11
C GLY F 105 -0.39 20.83 39.07
N PRO F 106 0.24 20.09 39.98
CA PRO F 106 1.70 20.08 40.01
C PRO F 106 2.48 19.88 38.75
N ASN F 107 2.21 18.82 37.99
CA ASN F 107 3.01 18.61 36.78
C ASN F 107 2.15 18.76 35.54
N GLY F 108 1.39 19.85 35.58
CA GLY F 108 0.39 20.19 34.57
C GLY F 108 0.82 20.81 33.29
N CYS F 109 2.11 21.06 33.18
CA CYS F 109 2.63 21.62 31.96
C CYS F 109 3.73 20.65 31.54
N ARG F 110 4.08 20.62 30.26
CA ARG F 110 5.10 19.70 29.74
C ARG F 110 5.70 20.32 28.46
N ASP G 1 27.61 2.39 2.72
CA ASP G 1 26.84 2.26 3.99
C ASP G 1 27.69 1.53 5.04
N SER G 2 27.48 1.84 6.31
CA SER G 2 28.25 1.14 7.34
C SER G 2 27.43 0.06 8.02
N VAL G 3 26.16 0.00 7.67
CA VAL G 3 25.27 -0.95 8.31
C VAL G 3 24.61 -1.90 7.35
N LEU G 4 24.19 -3.07 7.84
CA LEU G 4 23.45 -4.00 7.00
C LEU G 4 22.32 -4.52 7.88
N LEU G 5 21.10 -4.48 7.35
CA LEU G 5 19.97 -4.91 8.16
C LEU G 5 19.39 -6.25 7.79
N SER G 6 18.63 -6.73 8.77
CA SER G 6 17.91 -7.98 8.71
C SER G 6 17.16 -7.92 7.44
N GLY G 7 17.25 -9.01 6.73
CA GLY G 7 16.56 -9.04 5.48
C GLY G 7 17.43 -8.46 4.37
N GLN G 8 18.50 -7.72 4.61
CA GLN G 8 19.23 -7.26 3.43
C GLN G 8 20.43 -8.12 3.09
N THR G 9 20.97 -7.98 1.88
CA THR G 9 22.08 -8.84 1.50
C THR G 9 23.23 -8.15 0.78
N LEU G 10 24.43 -8.56 1.13
CA LEU G 10 25.58 -7.95 0.53
C LEU G 10 26.24 -8.89 -0.47
N TYR G 11 25.99 -8.69 -1.77
CA TYR G 11 26.58 -9.53 -2.78
C TYR G 11 28.04 -9.21 -3.02
N ALA G 12 28.73 -10.19 -3.58
CA ALA G 12 30.15 -10.14 -3.86
C ALA G 12 30.63 -8.75 -4.24
N GLY G 13 31.88 -8.45 -3.91
CA GLY G 13 32.41 -7.14 -4.26
C GLY G 13 31.69 -5.99 -3.60
N HIS G 14 30.74 -6.30 -2.75
CA HIS G 14 29.99 -5.27 -2.05
C HIS G 14 30.51 -5.11 -0.64
N SER G 15 30.31 -3.96 -0.03
CA SER G 15 30.83 -3.88 1.31
C SER G 15 30.27 -2.80 2.17
N LEU G 16 30.79 -2.81 3.38
CA LEU G 16 30.46 -1.82 4.35
C LEU G 16 31.70 -1.00 4.57
N THR G 17 31.42 0.25 4.91
CA THR G 17 32.43 1.23 5.17
C THR G 17 32.01 1.94 6.42
N SER G 18 33.01 2.28 7.21
CA SER G 18 32.82 2.99 8.45
C SER G 18 34.20 3.46 8.87
N GLY G 19 34.43 4.76 8.85
CA GLY G 19 35.75 5.20 9.28
C GLY G 19 36.83 4.73 8.33
N SER G 20 37.86 4.06 8.84
CA SER G 20 38.96 3.62 7.96
C SER G 20 38.88 2.14 7.62
N TYR G 21 37.76 1.54 7.99
CA TYR G 21 37.52 0.14 7.76
C TYR G 21 36.56 -0.18 6.65
N THR G 22 36.80 -1.34 6.05
CA THR G 22 35.96 -1.88 5.01
C THR G 22 35.81 -3.37 5.21
N LEU G 23 34.55 -3.79 5.31
CA LEU G 23 34.31 -5.21 5.40
C LEU G 23 33.66 -5.55 4.06
N THR G 24 34.37 -6.36 3.29
CA THR G 24 33.90 -6.76 1.97
C THR G 24 33.60 -8.24 1.78
N ILE G 25 32.47 -8.58 1.17
CA ILE G 25 32.23 -9.99 0.86
C ILE G 25 32.74 -10.07 -0.57
N GLN G 26 33.81 -10.84 -0.82
CA GLN G 26 34.42 -10.84 -2.15
C GLN G 26 34.06 -11.94 -3.12
N ASN G 27 34.67 -11.94 -4.28
CA ASN G 27 34.37 -13.00 -5.20
C ASN G 27 34.90 -14.29 -4.65
N ASN G 28 36.19 -14.26 -4.30
CA ASN G 28 36.80 -15.48 -3.86
C ASN G 28 36.09 -16.14 -2.68
N CYS G 29 35.11 -15.44 -2.09
CA CYS G 29 34.27 -15.92 -0.98
C CYS G 29 34.76 -15.61 0.42
N ASN G 30 35.93 -14.98 0.49
CA ASN G 30 36.48 -14.53 1.73
C ASN G 30 35.70 -13.28 2.16
N LEU G 31 35.25 -13.26 3.41
CA LEU G 31 34.63 -12.06 3.95
C LEU G 31 35.87 -11.39 4.53
N VAL G 32 36.24 -10.24 4.00
CA VAL G 32 37.45 -9.64 4.49
C VAL G 32 37.35 -8.23 5.04
N LYS G 33 37.96 -8.01 6.21
CA LYS G 33 37.97 -6.68 6.80
C LYS G 33 39.24 -6.03 6.36
N TYR G 34 39.14 -4.74 6.14
CA TYR G 34 40.26 -3.98 5.69
C TYR G 34 40.49 -2.69 6.41
N GLN G 35 41.72 -2.43 6.80
CA GLN G 35 41.99 -1.11 7.34
C GLN G 35 43.12 -0.51 6.51
N HIS G 36 42.81 0.68 5.98
CA HIS G 36 43.68 1.47 5.10
C HIS G 36 44.41 0.76 4.04
N GLY G 37 43.81 -0.12 3.27
CA GLY G 37 44.64 -0.72 2.26
C GLY G 37 45.05 -2.11 2.63
N ARG G 38 44.80 -2.56 3.85
CA ARG G 38 45.19 -3.92 4.09
C ARG G 38 44.27 -4.75 4.95
N GLN G 39 44.42 -6.05 4.80
CA GLN G 39 43.55 -6.97 5.45
C GLN G 39 44.00 -7.31 6.85
N ILE G 40 43.12 -7.03 7.80
CA ILE G 40 43.51 -7.26 9.15
C ILE G 40 42.65 -8.35 9.80
N TRP G 41 41.61 -8.79 9.07
CA TRP G 41 40.73 -9.89 9.51
C TRP G 41 40.05 -10.54 8.29
N ALA G 42 39.72 -11.83 8.41
CA ALA G 42 39.05 -12.53 7.33
C ALA G 42 38.19 -13.66 7.87
N SER G 43 37.28 -14.15 7.03
CA SER G 43 36.45 -15.27 7.40
C SER G 43 37.26 -16.51 7.07
N ASP G 44 38.22 -16.33 6.16
CA ASP G 44 39.10 -17.41 5.70
C ASP G 44 38.25 -18.33 4.94
N THR G 45 37.35 -17.70 4.23
CA THR G 45 36.40 -18.47 3.51
C THR G 45 36.65 -18.50 2.01
N ASP G 46 37.82 -18.02 1.58
CA ASP G 46 38.20 -17.97 0.16
C ASP G 46 38.05 -19.28 -0.59
N GLY G 47 37.58 -19.19 -1.82
CA GLY G 47 37.39 -20.37 -2.61
C GLY G 47 36.59 -21.48 -1.92
N GLN G 48 35.77 -21.17 -0.91
CA GLN G 48 34.93 -22.25 -0.36
C GLN G 48 33.66 -22.12 -1.22
N GLY G 49 33.91 -21.48 -2.38
CA GLY G 49 32.94 -21.24 -3.45
C GLY G 49 33.22 -19.91 -4.13
N SER G 50 32.21 -19.41 -4.86
CA SER G 50 32.21 -18.11 -5.54
C SER G 50 30.79 -17.59 -5.76
N GLN G 51 30.74 -16.26 -5.89
CA GLN G 51 29.55 -15.46 -6.07
C GLN G 51 28.76 -15.54 -4.79
N CYS G 52 29.50 -15.50 -3.68
CA CYS G 52 28.91 -15.59 -2.38
C CYS G 52 28.26 -14.30 -2.00
N ARG G 53 27.59 -14.32 -0.87
CA ARG G 53 26.93 -13.14 -0.44
C ARG G 53 26.71 -13.25 1.04
N LEU G 54 26.70 -12.10 1.67
CA LEU G 54 26.54 -11.99 3.10
C LEU G 54 25.13 -11.50 3.32
N THR G 55 24.34 -12.31 4.01
CA THR G 55 22.96 -11.96 4.24
C THR G 55 22.73 -11.97 5.73
N LEU G 56 21.98 -11.01 6.25
CA LEU G 56 21.69 -11.01 7.68
C LEU G 56 20.18 -11.32 7.78
N ARG G 57 19.77 -12.30 8.58
CA ARG G 57 18.34 -12.70 8.65
C ARG G 57 17.53 -12.01 9.73
N SER G 58 16.26 -12.37 9.89
CA SER G 58 15.41 -11.69 10.87
C SER G 58 15.47 -12.24 12.26
N ASP G 59 16.26 -13.29 12.40
CA ASP G 59 16.51 -13.85 13.71
C ASP G 59 17.92 -13.35 14.09
N GLY G 60 18.42 -12.38 13.32
CA GLY G 60 19.71 -11.75 13.57
C GLY G 60 20.91 -12.58 13.21
N ASN G 61 20.69 -13.68 12.51
CA ASN G 61 21.82 -14.53 12.19
C ASN G 61 22.50 -14.19 10.88
N LEU G 62 23.78 -13.81 10.99
CA LEU G 62 24.60 -13.45 9.86
C LEU G 62 25.20 -14.67 9.23
N ILE G 63 25.00 -14.72 7.94
CA ILE G 63 25.44 -15.84 7.17
C ILE G 63 26.01 -15.47 5.85
N ILE G 64 27.04 -16.20 5.47
CA ILE G 64 27.58 -16.05 4.14
C ILE G 64 26.99 -17.25 3.40
N TYR G 65 26.54 -17.03 2.18
CA TYR G 65 25.97 -18.09 1.35
C TYR G 65 26.81 -18.28 0.12
N ASP G 66 26.99 -19.54 -0.29
CA ASP G 66 27.77 -19.79 -1.48
C ASP G 66 26.86 -19.72 -2.69
N ASP G 67 27.44 -19.98 -3.85
CA ASP G 67 26.65 -19.91 -5.05
C ASP G 67 25.56 -20.98 -5.14
N ASN G 68 25.53 -21.94 -4.23
CA ASN G 68 24.47 -22.96 -4.26
C ASN G 68 23.60 -22.74 -3.04
N ASN G 69 23.65 -21.52 -2.55
CA ASN G 69 22.91 -21.17 -1.38
C ASN G 69 23.30 -22.03 -0.17
N MET G 70 24.52 -22.53 -0.05
CA MET G 70 24.79 -23.26 1.19
C MET G 70 25.52 -22.34 2.18
N VAL G 71 25.20 -22.46 3.48
CA VAL G 71 25.85 -21.60 4.47
C VAL G 71 27.31 -21.97 4.46
N VAL G 72 28.21 -21.00 4.41
CA VAL G 72 29.60 -21.42 4.38
C VAL G 72 30.40 -20.83 5.53
N TRP G 73 29.70 -20.02 6.31
CA TRP G 73 30.27 -19.31 7.44
C TRP G 73 29.08 -18.57 7.98
N GLY G 74 28.99 -18.51 9.29
CA GLY G 74 27.87 -17.80 9.86
C GLY G 74 28.25 -17.42 11.27
N SER G 75 27.43 -16.62 11.91
CA SER G 75 27.71 -16.22 13.28
C SER G 75 27.13 -17.27 14.19
N ASP G 76 26.32 -18.13 13.58
CA ASP G 76 25.60 -19.21 14.27
C ASP G 76 25.00 -18.69 15.55
N CYS G 77 24.24 -17.62 15.46
CA CYS G 77 23.69 -17.03 16.67
C CYS G 77 22.40 -16.28 16.37
N TRP G 78 21.32 -16.58 17.08
CA TRP G 78 20.08 -15.90 16.74
C TRP G 78 19.21 -15.56 17.94
N GLY G 79 18.20 -14.73 17.79
CA GLY G 79 17.36 -14.47 18.94
C GLY G 79 15.92 -14.69 18.55
N ASN G 80 15.22 -13.56 18.55
CA ASN G 80 13.79 -13.35 18.29
C ASN G 80 13.58 -12.60 16.97
N ASN G 81 12.49 -12.89 16.26
CA ASN G 81 12.20 -12.23 14.99
C ASN G 81 12.14 -10.72 15.17
N GLY G 82 12.73 -10.02 14.20
CA GLY G 82 12.78 -8.58 14.24
C GLY G 82 13.75 -8.11 13.19
N THR G 83 14.24 -6.90 13.37
CA THR G 83 15.20 -6.38 12.44
C THR G 83 16.46 -6.10 13.25
N TYR G 84 17.58 -6.57 12.72
CA TYR G 84 18.87 -6.45 13.36
C TYR G 84 19.80 -5.62 12.51
N ALA G 85 20.73 -4.95 13.15
CA ALA G 85 21.66 -4.17 12.39
C ALA G 85 23.05 -4.69 12.61
N LEU G 86 23.72 -5.03 11.53
CA LEU G 86 25.08 -5.48 11.67
C LEU G 86 25.87 -4.25 11.41
N VAL G 87 26.29 -3.61 12.48
CA VAL G 87 27.03 -2.41 12.29
C VAL G 87 28.51 -2.66 12.25
N LEU G 88 29.14 -2.22 11.17
CA LEU G 88 30.59 -2.26 11.12
C LEU G 88 30.92 -0.97 11.86
N GLN G 89 31.55 -1.07 13.03
CA GLN G 89 31.84 0.15 13.76
C GLN G 89 33.10 0.84 13.37
N GLN G 90 33.19 2.08 13.83
CA GLN G 90 34.33 2.92 13.54
C GLN G 90 35.62 2.39 14.13
N ASP G 91 35.50 1.76 15.29
CA ASP G 91 36.61 1.14 16.00
C ASP G 91 37.04 -0.12 15.24
N GLY G 92 36.32 -0.40 14.16
CA GLY G 92 36.64 -1.52 13.29
C GLY G 92 35.94 -2.82 13.61
N LEU G 93 35.25 -2.82 14.74
CA LEU G 93 34.48 -3.98 15.14
C LEU G 93 33.18 -3.98 14.35
N PHE G 94 32.69 -5.12 13.88
CA PHE G 94 31.35 -5.08 13.28
C PHE G 94 30.57 -5.89 14.28
N VAL G 95 29.38 -5.43 14.62
CA VAL G 95 28.66 -6.10 15.67
C VAL G 95 27.22 -6.17 15.28
N ILE G 96 26.53 -7.20 15.77
CA ILE G 96 25.14 -7.29 15.40
C ILE G 96 24.30 -6.78 16.58
N TYR G 97 23.42 -5.82 16.33
CA TYR G 97 22.65 -5.29 17.45
C TYR G 97 21.18 -5.81 17.46
N GLY G 98 20.81 -6.32 18.66
CA GLY G 98 19.51 -6.92 19.00
C GLY G 98 18.33 -6.47 18.13
N PRO G 99 17.12 -7.05 18.30
CA PRO G 99 16.00 -6.61 17.46
C PRO G 99 15.80 -5.13 17.69
N VAL G 100 14.83 -4.56 16.99
CA VAL G 100 14.55 -3.16 17.15
C VAL G 100 14.00 -2.84 18.52
N LEU G 101 14.57 -1.82 19.16
CA LEU G 101 14.05 -1.37 20.43
C LEU G 101 13.22 -0.13 20.23
N TRP G 102 13.54 0.75 19.27
CA TRP G 102 12.69 1.83 19.30
C TRP G 102 11.63 2.19 18.34
N PRO G 103 11.74 3.34 17.59
CA PRO G 103 10.48 3.33 16.86
C PRO G 103 9.98 2.09 16.26
N LEU G 104 9.06 1.45 16.96
CA LEU G 104 8.40 0.29 16.38
C LEU G 104 7.11 0.95 15.81
N GLY G 105 6.92 0.94 14.50
CA GLY G 105 5.78 1.69 14.03
C GLY G 105 6.11 3.18 14.26
N LEU G 106 5.21 3.95 14.89
CA LEU G 106 5.45 5.39 15.12
C LEU G 106 6.30 5.65 16.36
N ASN G 107 5.72 5.55 17.56
CA ASN G 107 6.55 5.69 18.77
C ASN G 107 6.53 4.39 19.57
N GLY G 108 6.44 3.30 18.80
CA GLY G 108 6.45 1.94 19.30
C GLY G 108 7.74 1.62 20.01
N CYS G 109 7.61 0.94 21.14
CA CYS G 109 8.72 0.56 22.00
C CYS G 109 8.52 -0.87 22.54
N ARG G 110 9.56 -1.69 22.43
CA ARG G 110 9.53 -3.11 22.81
C ARG G 110 8.91 -3.47 24.15
N ASP H 1 29.39 9.37 9.78
CA ASP H 1 28.64 8.65 10.85
C ASP H 1 27.12 8.70 10.56
N ASN H 2 26.49 7.54 10.35
CA ASN H 2 25.02 7.51 10.29
C ASN H 2 24.67 6.62 11.50
N VAL H 3 25.65 6.51 12.40
CA VAL H 3 25.54 5.69 13.61
C VAL H 3 25.95 6.43 14.86
N LEU H 4 25.19 6.18 15.91
CA LEU H 4 25.43 6.74 17.22
C LEU H 4 25.39 5.57 18.16
N LEU H 5 26.53 5.16 18.69
CA LEU H 5 26.50 4.04 19.61
C LEU H 5 26.21 4.46 21.01
N SER H 6 25.86 3.45 21.78
CA SER H 6 25.53 3.55 23.16
C SER H 6 26.35 4.53 23.96
N GLY H 7 27.65 4.31 24.08
CA GLY H 7 28.36 5.23 24.92
C GLY H 7 28.69 6.57 24.30
N GLN H 8 28.36 6.79 23.02
CA GLN H 8 28.75 8.04 22.36
C GLN H 8 27.76 9.16 22.39
N THR H 9 28.18 10.33 21.90
CA THR H 9 27.37 11.52 21.93
C THR H 9 27.25 12.26 20.60
N LEU H 10 26.07 12.81 20.31
CA LEU H 10 25.98 13.62 19.12
C LEU H 10 26.13 15.03 19.64
N HIS H 11 27.16 15.76 19.25
CA HIS H 11 27.25 17.04 19.90
C HIS H 11 26.43 18.17 19.25
N ALA H 12 26.34 19.27 19.97
CA ALA H 12 25.62 20.45 19.53
C ALA H 12 25.73 20.69 18.02
N ASP H 13 24.57 20.72 17.36
CA ASP H 13 24.50 20.99 15.93
C ASP H 13 25.16 19.93 15.09
N HIS H 14 25.61 18.87 15.73
CA HIS H 14 26.22 17.82 14.95
C HIS H 14 25.18 16.93 14.39
N SER H 15 25.49 16.23 13.33
CA SER H 15 24.42 15.42 12.81
C SER H 15 24.84 14.23 12.01
N LEU H 16 23.89 13.30 11.96
CA LEU H 16 24.05 12.07 11.27
C LEU H 16 23.54 12.24 9.89
N GLN H 17 24.06 11.42 9.00
CA GLN H 17 23.60 11.51 7.65
C GLN H 17 23.61 10.12 6.97
N ALA H 18 22.56 9.81 6.21
CA ALA H 18 22.47 8.55 5.47
C ALA H 18 21.71 8.78 4.17
N GLY H 19 22.41 8.56 3.06
CA GLY H 19 21.83 8.77 1.74
C GLY H 19 21.24 10.16 1.63
N ALA H 20 19.94 10.23 1.45
CA ALA H 20 19.28 11.53 1.31
C ALA H 20 18.91 12.23 2.62
N TYR H 21 19.04 11.56 3.76
CA TYR H 21 18.59 12.14 5.03
C TYR H 21 19.60 12.69 6.00
N THR H 22 19.16 13.55 6.90
CA THR H 22 20.11 14.12 7.81
C THR H 22 19.50 14.35 9.17
N LEU H 23 20.08 13.78 10.22
CA LEU H 23 19.45 14.00 11.50
C LEU H 23 20.30 14.95 12.28
N THR H 24 19.85 16.20 12.42
CA THR H 24 20.65 17.15 13.17
C THR H 24 20.08 17.43 14.53
N ILE H 25 20.95 17.36 15.54
CA ILE H 25 20.55 17.76 16.88
C ILE H 25 21.02 19.22 16.89
N GLN H 26 20.09 20.14 17.16
CA GLN H 26 20.37 21.58 17.14
C GLN H 26 20.79 22.20 18.45
N ASN H 27 21.63 23.24 18.37
CA ASN H 27 22.10 23.90 19.57
C ASN H 27 20.93 24.29 20.49
N LYS H 28 19.91 24.97 19.98
CA LYS H 28 18.79 25.19 20.88
C LYS H 28 17.88 23.96 20.94
N CYS H 29 18.40 22.75 21.13
CA CYS H 29 17.54 21.55 21.34
C CYS H 29 16.45 20.94 20.40
N ASN H 30 16.31 21.44 19.20
CA ASN H 30 15.41 20.80 18.29
C ASN H 30 16.16 19.69 17.56
N LEU H 31 15.84 18.45 17.81
CA LEU H 31 16.49 17.43 17.04
C LEU H 31 15.69 17.39 15.74
N VAL H 32 16.32 17.84 14.67
CA VAL H 32 15.66 17.96 13.39
C VAL H 32 16.07 16.95 12.33
N LYS H 33 15.10 16.42 11.59
CA LYS H 33 15.44 15.48 10.53
C LYS H 33 15.18 16.09 9.15
N TYR H 34 16.05 15.78 8.20
CA TYR H 34 15.94 16.39 6.89
C TYR H 34 15.94 15.48 5.68
N GLN H 35 15.17 15.84 4.67
CA GLN H 35 15.23 15.05 3.47
C GLN H 35 15.83 16.00 2.49
N ASN H 36 16.93 15.58 1.91
CA ASN H 36 17.49 16.41 0.86
C ASN H 36 17.55 17.88 1.21
N GLY H 37 17.87 18.19 2.45
CA GLY H 37 17.95 19.57 2.84
C GLY H 37 16.64 20.05 3.44
N ARG H 38 15.50 19.43 3.11
CA ARG H 38 14.25 19.93 3.70
C ARG H 38 13.79 19.23 4.97
N GLN H 39 13.42 20.04 5.96
CA GLN H 39 12.91 19.56 7.22
C GLN H 39 11.77 18.56 6.96
N ILE H 40 11.80 17.40 7.59
CA ILE H 40 10.63 16.54 7.45
C ILE H 40 10.19 16.08 8.85
N TRP H 41 10.95 16.41 9.88
CA TRP H 41 10.57 15.98 11.25
C TRP H 41 11.34 16.71 12.34
N ALA H 42 10.78 16.71 13.53
CA ALA H 42 11.43 17.39 14.63
C ALA H 42 10.99 16.87 15.97
N SER H 43 11.91 16.99 16.90
CA SER H 43 11.62 16.66 18.26
C SER H 43 10.55 17.68 18.67
N ASN H 44 10.49 18.80 17.94
CA ASN H 44 9.51 19.83 18.26
C ASN H 44 9.82 20.39 19.64
N THR H 45 11.11 20.43 19.90
CA THR H 45 11.61 20.93 21.16
C THR H 45 12.51 22.13 20.93
N ASP H 46 12.30 22.88 19.86
CA ASP H 46 13.19 24.01 19.59
C ASP H 46 13.28 24.99 20.73
N ARG H 47 14.44 25.62 20.81
CA ARG H 47 14.65 26.66 21.79
C ARG H 47 14.26 26.21 23.19
N ARG H 48 14.67 25.07 23.72
CA ARG H 48 14.19 24.83 25.09
C ARG H 48 15.27 24.30 25.98
N GLY H 49 16.41 24.91 25.74
CA GLY H 49 17.63 24.59 26.41
C GLY H 49 18.63 25.08 25.42
N SER H 50 19.88 25.03 25.81
CA SER H 50 20.89 25.49 24.91
C SER H 50 22.12 24.60 25.13
N GLY H 51 22.98 24.47 24.10
CA GLY H 51 24.19 23.64 24.13
C GLY H 51 23.87 22.14 24.10
N CYS H 52 22.72 21.87 23.48
CA CYS H 52 22.11 20.57 23.33
C CYS H 52 22.89 19.54 22.56
N ARG H 53 22.66 18.29 22.90
CA ARG H 53 23.35 17.20 22.30
C ARG H 53 22.53 15.97 22.49
N LEU H 54 22.91 14.95 21.75
CA LEU H 54 22.16 13.72 21.72
C LEU H 54 22.88 12.44 22.13
N THR H 55 22.30 11.67 23.03
CA THR H 55 22.92 10.43 23.40
C THR H 55 21.97 9.31 23.51
N LEU H 56 22.57 8.20 23.18
CA LEU H 56 21.96 6.94 23.28
C LEU H 56 22.60 6.42 24.56
N LEU H 57 21.80 6.09 25.55
CA LEU H 57 22.43 5.61 26.75
C LEU H 57 22.74 4.14 26.66
N SER H 58 22.82 3.52 27.83
CA SER H 58 23.17 2.11 27.99
C SER H 58 21.99 1.17 27.97
N ASP H 59 20.79 1.72 28.12
CA ASP H 59 19.57 0.92 28.08
C ASP H 59 18.82 1.16 26.78
N GLY H 60 19.50 1.75 25.81
CA GLY H 60 18.82 1.96 24.56
C GLY H 60 17.95 3.18 24.60
N ASN H 61 18.05 3.90 25.69
CA ASN H 61 17.31 5.12 25.74
C ASN H 61 18.12 6.11 24.92
N LEU H 62 17.43 7.00 24.22
CA LEU H 62 18.05 8.04 23.41
C LEU H 62 17.55 9.38 23.99
N VAL H 63 18.41 10.14 24.65
CA VAL H 63 17.94 11.42 25.21
C VAL H 63 18.65 12.68 24.76
N ILE H 64 17.98 13.80 24.94
CA ILE H 64 18.62 15.08 24.64
C ILE H 64 18.98 15.83 25.91
N TYR H 65 20.25 16.21 26.05
CA TYR H 65 20.67 17.01 27.21
C TYR H 65 21.16 18.37 26.78
N ASP H 66 21.02 19.32 27.69
CA ASP H 66 21.50 20.65 27.43
C ASP H 66 22.76 20.85 28.25
N HIS H 67 23.45 21.97 28.06
CA HIS H 67 24.69 22.10 28.75
C HIS H 67 24.61 21.90 30.28
N ASN H 68 23.41 21.87 30.89
CA ASN H 68 23.35 21.67 32.35
C ASN H 68 22.87 20.29 32.76
N ASN H 69 22.82 19.46 31.72
CA ASN H 69 22.45 18.06 31.77
C ASN H 69 21.00 17.77 32.11
N ASN H 70 20.10 18.42 31.38
CA ASN H 70 18.70 18.18 31.63
C ASN H 70 18.04 17.51 30.44
N ASP H 71 17.35 16.43 30.77
CA ASP H 71 16.59 15.67 29.80
C ASP H 71 15.58 16.66 29.26
N VAL H 72 15.37 16.60 27.96
CA VAL H 72 14.46 17.53 27.31
C VAL H 72 13.50 16.74 26.50
N TRP H 73 14.02 15.65 26.02
CA TRP H 73 13.27 14.85 25.14
C TRP H 73 14.00 13.56 25.07
N GLY H 74 13.24 12.52 24.89
CA GLY H 74 13.92 11.28 24.82
C GLY H 74 13.00 10.24 24.32
N SER H 75 13.58 9.19 23.79
CA SER H 75 12.76 8.12 23.31
C SER H 75 11.82 7.59 24.40
N ALA H 76 12.21 7.68 25.68
CA ALA H 76 11.34 7.17 26.76
C ALA H 76 10.95 5.75 26.40
N CYS H 77 12.01 4.98 26.24
CA CYS H 77 11.97 3.58 25.89
C CYS H 77 13.39 2.99 26.10
N TRP H 78 13.48 2.03 27.03
CA TRP H 78 14.74 1.36 27.45
C TRP H 78 14.70 -0.16 27.71
N GLY H 79 15.83 -0.80 27.38
CA GLY H 79 16.03 -2.22 27.57
C GLY H 79 17.19 -2.48 28.49
N ASP H 80 17.41 -3.75 28.73
CA ASP H 80 18.47 -4.15 29.60
C ASP H 80 19.76 -3.48 29.25
N ASN H 81 20.46 -3.02 30.27
CA ASN H 81 21.76 -2.42 30.06
C ASN H 81 22.56 -3.28 29.06
N GLY H 82 23.52 -2.67 28.37
CA GLY H 82 24.36 -3.38 27.42
C GLY H 82 24.91 -2.37 26.43
N LYS H 83 24.93 -2.73 25.15
CA LYS H 83 25.38 -1.79 24.15
C LYS H 83 24.30 -1.76 23.08
N TYR H 84 24.04 -0.57 22.59
CA TYR H 84 23.03 -0.35 21.58
C TYR H 84 23.54 0.44 20.44
N ALA H 85 22.89 0.27 19.31
CA ALA H 85 23.26 1.02 18.12
C ALA H 85 22.10 1.90 17.65
N LEU H 86 22.31 3.21 17.54
CA LEU H 86 21.22 4.05 16.98
C LEU H 86 21.60 4.24 15.53
N VAL H 87 20.69 4.03 14.62
CA VAL H 87 21.14 4.21 13.26
C VAL H 87 20.18 4.91 12.36
N LEU H 88 20.71 5.86 11.61
CA LEU H 88 19.92 6.62 10.68
C LEU H 88 19.93 5.83 9.38
N GLN H 89 18.81 5.27 8.97
CA GLN H 89 18.89 4.49 7.75
C GLN H 89 18.54 5.26 6.49
N LYS H 90 18.87 4.70 5.33
CA LYS H 90 18.59 5.38 4.07
C LYS H 90 17.10 5.65 3.82
N ASP H 91 16.24 4.78 4.33
CA ASP H 91 14.82 5.01 4.17
C ASP H 91 14.48 6.23 4.99
N GLY H 92 15.51 6.79 5.62
CA GLY H 92 15.27 7.97 6.39
C GLY H 92 14.65 7.71 7.73
N ARG H 93 14.68 6.47 8.20
CA ARG H 93 14.12 6.26 9.52
C ARG H 93 15.27 6.19 10.53
N PHE H 94 15.12 6.73 11.75
CA PHE H 94 16.19 6.52 12.71
C PHE H 94 15.78 5.53 13.78
N VAL H 95 16.49 4.42 13.80
CA VAL H 95 16.13 3.33 14.67
C VAL H 95 17.15 2.94 15.72
N ILE H 96 16.67 2.60 16.91
CA ILE H 96 17.61 2.18 17.94
C ILE H 96 17.64 0.66 17.92
N TYR H 97 18.79 0.11 17.59
CA TYR H 97 18.89 -1.33 17.56
C TYR H 97 19.27 -1.95 18.90
N GLY H 98 18.42 -2.91 19.31
CA GLY H 98 18.50 -3.69 20.56
C GLY H 98 19.90 -4.00 21.11
N PRO H 99 20.07 -4.54 22.37
CA PRO H 99 21.45 -4.80 22.85
C PRO H 99 22.23 -5.60 21.86
N VAL H 100 23.45 -5.93 22.23
CA VAL H 100 24.35 -6.69 21.37
C VAL H 100 23.89 -8.15 21.21
N LEU H 101 24.02 -8.69 20.01
CA LEU H 101 23.58 -10.06 19.77
C LEU H 101 24.73 -11.00 19.45
N TRP H 102 25.74 -10.48 18.76
CA TRP H 102 26.85 -11.34 18.41
C TRP H 102 27.98 -10.51 17.95
N SER H 103 29.17 -11.04 18.12
CA SER H 103 30.28 -10.37 17.57
C SER H 103 31.39 -11.34 17.69
N LEU H 104 32.45 -10.99 17.03
CA LEU H 104 33.59 -11.83 17.06
C LEU H 104 34.26 -11.77 18.41
N GLY H 105 34.25 -10.61 19.07
CA GLY H 105 34.87 -10.56 20.39
C GLY H 105 34.37 -11.72 21.30
N PRO H 106 34.88 -11.87 22.57
CA PRO H 106 34.64 -12.80 23.68
C PRO H 106 33.59 -14.00 23.67
N ASN H 107 32.62 -14.04 24.61
CA ASN H 107 31.57 -15.12 24.71
C ASN H 107 30.58 -14.99 23.54
N GLY H 108 30.78 -13.86 22.85
CA GLY H 108 30.11 -13.39 21.65
C GLY H 108 28.61 -13.45 21.42
N CYS H 109 27.89 -14.33 22.07
CA CYS H 109 26.50 -14.39 21.69
C CYS H 109 25.59 -14.62 22.85
N ARG H 110 24.30 -14.35 22.71
CA ARG H 110 23.48 -14.59 23.87
C ARG H 110 22.04 -14.99 23.64
N ARG H 111 21.70 -16.12 24.25
CA ARG H 111 20.35 -16.70 24.22
C ARG H 111 19.58 -15.98 25.38
#